data_2NAM
#
_entry.id   2NAM
#
_cell.length_a   1.0
_cell.length_b   1.0
_cell.length_c   1.0
_cell.angle_alpha   90.00
_cell.angle_beta   90.00
_cell.angle_gamma   90.00
#
_symmetry.space_group_name_H-M   'P 1'
#
_entity_poly.entity_id   1
_entity_poly.type   'polypeptide(L)'
_entity_poly.pdbx_seq_one_letter_code
;MGHHHHHHATKAVCVLKGDGPVQGIINFEQKESNGPVKVWGSIKGLTEGLHGFHVHEFGDNTAGCTSAGPHFNPLSRKHG
GPKDEERHVGDLGNVTADKDGVADVSIEDSVISLSGDHCIIGRTLVVHEKADDLGKGGNEESTKTGNAGSRLACGVIGIA
Q
;
_entity_poly.pdbx_strand_id   A
#
# COMPACT_ATOMS: atom_id res chain seq x y z
N ALA A 9 40.22 61.42 5.45
CA ALA A 9 40.08 60.07 4.88
C ALA A 9 41.00 59.05 5.59
N THR A 10 40.67 57.75 5.53
CA THR A 10 41.47 56.68 6.17
C THR A 10 41.29 55.32 5.51
N LYS A 11 42.40 54.59 5.30
CA LYS A 11 42.38 53.26 4.66
C LYS A 11 41.80 52.12 5.51
N ALA A 12 41.54 52.34 6.81
CA ALA A 12 40.98 51.31 7.71
C ALA A 12 39.46 51.13 7.57
N VAL A 13 38.69 52.22 7.46
CA VAL A 13 37.22 52.15 7.30
C VAL A 13 36.83 52.21 5.82
N CYS A 14 37.67 52.73 4.93
CA CYS A 14 37.36 52.77 3.49
C CYS A 14 37.32 51.39 2.82
N VAL A 15 37.85 50.32 3.43
CA VAL A 15 37.58 48.95 2.94
C VAL A 15 36.13 48.55 3.26
N LEU A 16 35.73 48.57 4.54
CA LEU A 16 34.39 48.11 4.96
C LEU A 16 33.23 49.01 4.52
N LYS A 17 33.52 50.27 4.10
CA LYS A 17 32.51 51.24 3.64
C LYS A 17 32.66 51.65 2.15
N GLY A 18 33.67 51.12 1.46
CA GLY A 18 34.00 51.48 0.06
C GLY A 18 34.06 50.27 -0.86
N ASP A 19 34.63 49.16 -0.40
CA ASP A 19 34.65 47.86 -1.11
C ASP A 19 33.32 47.08 -0.93
N GLY A 20 32.23 47.80 -0.60
CA GLY A 20 30.94 47.22 -0.24
C GLY A 20 30.35 46.40 -1.40
N PRO A 21 30.14 45.08 -1.26
CA PRO A 21 29.83 44.18 -2.38
C PRO A 21 28.36 44.24 -2.85
N VAL A 22 27.86 45.45 -3.12
CA VAL A 22 26.50 45.71 -3.61
C VAL A 22 26.22 45.13 -5.00
N GLN A 23 27.26 44.69 -5.74
CA GLN A 23 27.07 44.04 -7.03
C GLN A 23 26.23 42.75 -6.92
N GLY A 24 26.18 42.14 -5.73
CA GLY A 24 25.43 40.92 -5.44
C GLY A 24 23.93 40.99 -5.76
N ILE A 25 23.36 42.19 -5.96
CA ILE A 25 22.02 42.39 -6.53
C ILE A 25 21.87 41.60 -7.84
N ILE A 26 22.81 41.73 -8.79
CA ILE A 26 22.74 41.02 -10.08
C ILE A 26 22.80 39.50 -9.90
N ASN A 27 23.47 39.00 -8.86
CA ASN A 27 23.60 37.58 -8.56
C ASN A 27 22.45 37.01 -7.71
N PHE A 28 21.74 37.85 -6.94
CA PHE A 28 20.46 37.49 -6.35
C PHE A 28 19.42 37.30 -7.46
N GLU A 29 19.24 38.32 -8.31
CA GLU A 29 18.25 38.28 -9.39
C GLU A 29 18.58 37.22 -10.45
N GLN A 30 19.86 36.86 -10.69
CA GLN A 30 20.20 35.75 -11.61
C GLN A 30 19.58 34.41 -11.18
N LYS A 31 19.36 34.20 -9.87
CA LYS A 31 18.75 32.97 -9.35
C LYS A 31 17.22 32.99 -9.43
N GLU A 32 16.61 34.16 -9.56
CA GLU A 32 15.15 34.35 -9.62
C GLU A 32 14.66 34.66 -11.05
N SER A 33 15.55 35.04 -11.96
CA SER A 33 15.31 35.48 -13.35
C SER A 33 14.31 34.65 -14.17
N ASN A 34 14.50 33.33 -14.24
CA ASN A 34 13.56 32.41 -14.92
C ASN A 34 12.45 31.90 -13.97
N GLY A 35 12.54 32.24 -12.68
CA GLY A 35 11.65 31.79 -11.61
C GLY A 35 11.75 30.30 -11.34
N PRO A 36 12.90 29.76 -10.90
CA PRO A 36 13.03 28.32 -10.63
C PRO A 36 12.07 27.84 -9.52
N VAL A 37 11.59 28.75 -8.67
CA VAL A 37 10.49 28.50 -7.72
C VAL A 37 9.20 28.00 -8.39
N LYS A 38 8.98 28.25 -9.69
CA LYS A 38 7.81 27.76 -10.44
C LYS A 38 8.00 26.34 -10.98
N VAL A 39 9.18 26.01 -11.51
CA VAL A 39 9.47 24.63 -11.95
C VAL A 39 9.70 23.71 -10.74
N TRP A 40 10.49 24.14 -9.75
CA TRP A 40 10.88 23.36 -8.58
C TRP A 40 9.83 23.39 -7.46
N GLY A 41 8.97 24.42 -7.42
CA GLY A 41 7.85 24.52 -6.48
C GLY A 41 6.81 23.41 -6.63
N SER A 42 6.71 22.81 -7.82
CA SER A 42 5.98 21.55 -8.05
C SER A 42 6.74 20.36 -7.47
N ILE A 43 8.04 20.21 -7.80
CA ILE A 43 8.86 19.03 -7.46
C ILE A 43 8.99 18.83 -5.94
N LYS A 44 9.18 19.91 -5.17
CA LYS A 44 9.20 19.80 -3.70
C LYS A 44 7.81 19.45 -3.13
N GLY A 45 6.73 19.91 -3.77
CA GLY A 45 5.34 19.76 -3.30
C GLY A 45 4.74 18.38 -3.54
N LEU A 46 5.02 17.78 -4.71
CA LEU A 46 4.65 16.37 -4.96
C LEU A 46 5.37 15.41 -4.00
N THR A 47 6.52 15.82 -3.46
CA THR A 47 7.27 15.06 -2.45
C THR A 47 6.61 15.15 -1.06
N GLU A 48 5.85 16.22 -0.77
CA GLU A 48 5.08 16.35 0.46
C GLU A 48 3.83 15.44 0.44
N GLY A 49 3.15 15.30 -0.71
CA GLY A 49 2.00 14.41 -0.87
C GLY A 49 2.34 12.92 -0.76
N LEU A 50 3.44 12.47 -1.38
CA LEU A 50 3.84 11.05 -1.36
C LEU A 50 4.32 10.53 0.01
N HIS A 51 4.56 11.42 0.99
CA HIS A 51 4.90 11.06 2.37
C HIS A 51 3.86 11.52 3.40
N GLY A 52 3.03 12.52 3.09
CA GLY A 52 1.98 13.02 3.97
C GLY A 52 0.56 12.54 3.65
N PHE A 53 0.35 11.84 2.52
CA PHE A 53 -0.97 11.39 2.06
C PHE A 53 -0.95 9.92 1.61
N HIS A 54 0.07 9.54 0.83
CA HIS A 54 0.33 8.14 0.43
C HIS A 54 0.77 7.24 1.60
N VAL A 55 1.08 7.83 2.76
CA VAL A 55 1.51 7.14 4.00
C VAL A 55 0.63 7.56 5.20
N HIS A 56 -0.52 8.19 4.95
CA HIS A 56 -1.45 8.65 6.01
C HIS A 56 -2.88 8.15 5.81
N GLU A 57 -3.39 8.18 4.57
CA GLU A 57 -4.66 7.54 4.22
C GLU A 57 -4.49 6.37 3.23
N PHE A 58 -3.82 6.63 2.10
CA PHE A 58 -3.43 5.64 1.06
C PHE A 58 -2.81 6.37 -0.15
N GLY A 59 -3.24 7.61 -0.42
CA GLY A 59 -2.78 8.41 -1.57
C GLY A 59 -3.95 8.95 -2.40
N ASP A 60 -4.67 9.95 -1.88
CA ASP A 60 -5.79 10.64 -2.55
C ASP A 60 -6.86 9.70 -3.15
N ASN A 61 -7.21 8.66 -2.39
CA ASN A 61 -8.14 7.61 -2.83
C ASN A 61 -8.89 6.95 -1.65
N THR A 62 -8.20 6.68 -0.54
CA THR A 62 -8.67 6.03 0.70
C THR A 62 -9.28 4.63 0.51
N ALA A 63 -10.48 4.53 -0.08
CA ALA A 63 -11.08 3.25 -0.51
C ALA A 63 -11.34 3.16 -2.03
N GLY A 64 -11.17 4.26 -2.77
CA GLY A 64 -11.46 4.40 -4.20
C GLY A 64 -11.96 5.81 -4.53
N CYS A 65 -11.04 6.74 -4.76
CA CYS A 65 -11.21 8.19 -4.95
C CYS A 65 -11.85 8.93 -3.75
N THR A 66 -13.04 8.50 -3.35
CA THR A 66 -13.81 9.02 -2.20
C THR A 66 -15.00 8.10 -1.91
N SER A 67 -15.62 7.53 -2.96
CA SER A 67 -16.84 6.69 -2.84
C SER A 67 -16.60 5.18 -3.01
N ALA A 68 -15.58 4.81 -3.78
CA ALA A 68 -15.22 3.45 -4.21
C ALA A 68 -16.25 2.66 -5.03
N GLY A 69 -17.55 2.85 -4.79
CA GLY A 69 -18.64 2.21 -5.50
C GLY A 69 -19.99 2.84 -5.14
N PRO A 70 -20.73 2.30 -4.16
CA PRO A 70 -22.07 2.78 -3.81
C PRO A 70 -22.06 4.12 -3.07
N HIS A 71 -21.14 4.30 -2.11
CA HIS A 71 -20.90 5.56 -1.37
C HIS A 71 -19.65 5.47 -0.49
N PHE A 72 -19.38 4.28 0.04
CA PHE A 72 -18.13 3.87 0.69
C PHE A 72 -18.08 2.33 0.71
N ASN A 73 -17.01 1.73 0.20
CA ASN A 73 -16.79 0.27 0.28
C ASN A 73 -16.36 -0.16 1.70
N PRO A 74 -16.49 -1.47 2.04
CA PRO A 74 -16.08 -2.03 3.33
C PRO A 74 -14.54 -2.11 3.46
N LEU A 75 -13.87 -0.96 3.51
CA LEU A 75 -12.43 -0.82 3.78
C LEU A 75 -12.03 0.59 4.26
N SER A 76 -13.00 1.38 4.75
CA SER A 76 -12.74 2.73 5.30
C SER A 76 -13.79 3.10 6.35
N ARG A 77 -15.07 3.08 5.99
CA ARG A 77 -16.21 3.53 6.83
C ARG A 77 -16.46 2.70 8.10
N LYS A 78 -15.62 1.69 8.39
CA LYS A 78 -15.77 0.68 9.45
C LYS A 78 -17.18 0.06 9.46
N HIS A 79 -17.56 -0.57 8.34
CA HIS A 79 -18.88 -1.20 8.14
C HIS A 79 -19.22 -2.18 9.28
N GLY A 80 -18.35 -3.16 9.54
CA GLY A 80 -18.37 -3.99 10.76
C GLY A 80 -17.09 -3.87 11.59
N GLY A 81 -15.95 -4.06 10.93
CA GLY A 81 -14.65 -4.28 11.59
C GLY A 81 -13.70 -5.04 10.66
N PRO A 82 -13.75 -6.39 10.61
CA PRO A 82 -12.91 -7.22 9.74
C PRO A 82 -13.21 -7.01 8.25
N LYS A 83 -14.44 -6.57 7.95
CA LYS A 83 -15.04 -6.32 6.62
C LYS A 83 -15.50 -7.60 5.90
N ASP A 84 -14.76 -8.68 6.05
CA ASP A 84 -14.95 -10.00 5.42
C ASP A 84 -15.72 -11.01 6.29
N GLU A 85 -16.63 -10.51 7.14
CA GLU A 85 -17.38 -11.32 8.12
C GLU A 85 -18.86 -10.86 8.16
N GLU A 86 -19.14 -9.71 8.78
CA GLU A 86 -20.42 -8.97 8.80
C GLU A 86 -21.11 -8.89 7.42
N ARG A 87 -20.36 -8.47 6.38
CA ARG A 87 -20.84 -8.31 5.00
C ARG A 87 -20.25 -9.33 4.04
N HIS A 88 -20.02 -10.52 4.58
CA HIS A 88 -19.64 -11.71 3.83
C HIS A 88 -20.67 -12.79 4.13
N VAL A 89 -20.71 -13.24 5.39
CA VAL A 89 -21.59 -14.31 5.86
C VAL A 89 -22.60 -13.86 6.92
N GLY A 90 -22.30 -12.84 7.73
CA GLY A 90 -23.12 -12.41 8.88
C GLY A 90 -24.55 -11.96 8.55
N ASP A 91 -24.70 -10.93 7.71
CA ASP A 91 -26.00 -10.41 7.24
C ASP A 91 -26.13 -10.41 5.70
N LEU A 92 -25.11 -10.94 4.99
CA LEU A 92 -25.18 -11.21 3.54
C LEU A 92 -25.43 -12.71 3.28
N GLY A 93 -24.47 -13.58 3.60
CA GLY A 93 -24.61 -15.03 3.43
C GLY A 93 -25.84 -15.60 4.14
N ASN A 94 -26.11 -15.20 5.40
CA ASN A 94 -27.26 -15.66 6.17
C ASN A 94 -28.62 -15.44 5.46
N VAL A 95 -28.75 -14.41 4.60
CA VAL A 95 -29.98 -14.17 3.82
C VAL A 95 -30.18 -15.22 2.74
N THR A 96 -29.13 -15.73 2.10
CA THR A 96 -29.24 -16.78 1.06
C THR A 96 -29.12 -18.18 1.64
N ALA A 97 -28.40 -18.36 2.75
CA ALA A 97 -28.34 -19.58 3.54
C ALA A 97 -29.73 -20.01 4.04
N ASP A 98 -30.54 -19.09 4.59
CA ASP A 98 -31.87 -19.41 5.14
C ASP A 98 -33.02 -19.32 4.11
N LYS A 99 -32.84 -18.55 3.01
CA LYS A 99 -33.91 -18.37 1.99
C LYS A 99 -33.90 -19.38 0.85
N ASP A 100 -32.80 -20.09 0.70
CA ASP A 100 -32.52 -21.00 -0.42
C ASP A 100 -31.77 -22.25 0.06
N GLY A 101 -30.76 -22.09 0.91
CA GLY A 101 -30.05 -23.24 1.50
C GLY A 101 -29.15 -23.99 0.52
N VAL A 102 -28.79 -23.36 -0.59
CA VAL A 102 -27.87 -23.89 -1.60
C VAL A 102 -26.76 -22.86 -1.90
N ALA A 103 -27.02 -21.56 -1.89
CA ALA A 103 -26.01 -20.53 -2.16
C ALA A 103 -24.79 -20.60 -1.23
N ASP A 104 -25.04 -20.72 0.08
CA ASP A 104 -24.02 -20.78 1.13
C ASP A 104 -23.61 -22.25 1.41
N VAL A 105 -24.59 -23.15 1.50
CA VAL A 105 -24.36 -24.58 1.75
C VAL A 105 -23.59 -25.26 0.60
N SER A 106 -23.69 -24.77 -0.65
CA SER A 106 -22.87 -25.27 -1.77
C SER A 106 -21.38 -24.97 -1.58
N ILE A 107 -21.01 -23.89 -0.90
CA ILE A 107 -19.60 -23.62 -0.57
C ILE A 107 -19.19 -24.28 0.75
N GLU A 108 -20.04 -24.27 1.78
CA GLU A 108 -19.77 -24.92 3.08
C GLU A 108 -19.71 -26.47 2.97
N ASP A 109 -20.75 -27.14 2.47
CA ASP A 109 -20.77 -28.62 2.36
C ASP A 109 -19.74 -29.14 1.35
N SER A 110 -19.39 -28.32 0.35
CA SER A 110 -18.29 -28.66 -0.58
C SER A 110 -16.91 -28.30 -0.05
N VAL A 111 -16.75 -27.45 0.99
CA VAL A 111 -15.45 -26.98 1.51
C VAL A 111 -14.54 -28.13 1.90
N ILE A 112 -15.10 -29.26 2.33
CA ILE A 112 -14.37 -30.50 2.64
C ILE A 112 -13.62 -31.04 1.42
N SER A 113 -14.24 -30.99 0.23
CA SER A 113 -13.67 -31.47 -1.03
C SER A 113 -12.81 -30.39 -1.69
N LEU A 114 -13.35 -29.17 -1.77
CA LEU A 114 -12.69 -27.98 -2.32
C LEU A 114 -11.46 -27.58 -1.50
N SER A 115 -11.31 -28.06 -0.25
CA SER A 115 -10.05 -27.93 0.52
C SER A 115 -8.82 -28.43 -0.26
N GLY A 116 -8.98 -29.38 -1.19
CA GLY A 116 -7.93 -29.86 -2.08
C GLY A 116 -7.39 -28.80 -3.06
N ASP A 117 -8.16 -27.76 -3.38
CA ASP A 117 -7.74 -26.62 -4.20
C ASP A 117 -7.65 -25.32 -3.38
N HIS A 118 -8.55 -25.05 -2.43
CA HIS A 118 -8.46 -23.94 -1.48
C HIS A 118 -7.17 -23.98 -0.66
N CYS A 119 -6.77 -25.14 -0.12
CA CYS A 119 -5.50 -25.27 0.60
C CYS A 119 -4.28 -25.31 -0.36
N ILE A 120 -4.46 -25.27 -1.68
CA ILE A 120 -3.36 -25.31 -2.67
C ILE A 120 -3.21 -23.99 -3.42
N ILE A 121 -4.24 -23.58 -4.18
CA ILE A 121 -4.35 -22.33 -4.94
C ILE A 121 -4.85 -21.19 -4.04
N GLY A 122 -5.85 -21.46 -3.19
CA GLY A 122 -6.31 -20.48 -2.19
C GLY A 122 -5.20 -20.12 -1.18
N ARG A 123 -4.21 -20.99 -0.97
CA ARG A 123 -3.00 -20.63 -0.19
C ARG A 123 -2.13 -19.52 -0.82
N THR A 124 -2.47 -19.04 -2.01
CA THR A 124 -1.90 -17.84 -2.63
C THR A 124 -2.86 -16.67 -2.51
N LEU A 125 -4.13 -16.81 -2.93
CA LEU A 125 -5.11 -15.71 -2.95
C LEU A 125 -5.99 -15.58 -1.70
N VAL A 126 -6.58 -16.67 -1.19
CA VAL A 126 -7.40 -16.64 0.05
C VAL A 126 -6.53 -16.29 1.26
N VAL A 127 -5.34 -16.88 1.33
CA VAL A 127 -4.35 -16.65 2.40
C VAL A 127 -3.37 -15.51 2.03
N HIS A 128 -3.68 -14.68 1.02
CA HIS A 128 -2.76 -13.63 0.53
C HIS A 128 -2.30 -12.69 1.66
N GLU A 129 -3.19 -12.42 2.63
CA GLU A 129 -3.00 -11.66 3.88
C GLU A 129 -1.70 -11.95 4.64
N LYS A 130 -1.14 -13.16 4.45
CA LYS A 130 0.15 -13.54 5.00
C LYS A 130 1.00 -14.36 4.03
N ALA A 131 0.44 -14.83 2.91
CA ALA A 131 1.15 -15.64 1.92
C ALA A 131 1.85 -14.81 0.85
N ASP A 132 1.23 -13.72 0.40
CA ASP A 132 1.68 -12.89 -0.73
C ASP A 132 1.91 -11.43 -0.32
N ASP A 133 1.16 -10.90 0.66
CA ASP A 133 1.32 -9.54 1.24
C ASP A 133 2.76 -9.29 1.76
N LEU A 134 3.28 -10.22 2.57
CA LEU A 134 4.68 -10.24 3.01
C LEU A 134 5.66 -10.77 1.94
N GLY A 135 5.17 -11.29 0.81
CA GLY A 135 5.97 -11.94 -0.24
C GLY A 135 6.76 -13.20 0.17
N LYS A 136 6.66 -13.61 1.45
CA LYS A 136 7.38 -14.75 2.05
C LYS A 136 6.56 -15.51 3.10
N GLY A 137 5.63 -14.84 3.80
CA GLY A 137 5.06 -15.29 5.08
C GLY A 137 4.29 -16.62 5.09
N GLY A 138 3.73 -17.01 3.95
CA GLY A 138 2.98 -18.26 3.76
C GLY A 138 3.44 -19.05 2.53
N ASN A 139 4.50 -18.59 1.86
CA ASN A 139 5.15 -19.32 0.78
C ASN A 139 6.60 -19.75 1.07
N GLU A 140 7.21 -19.28 2.16
CA GLU A 140 8.51 -19.75 2.65
C GLU A 140 8.60 -19.75 4.19
N GLU A 141 7.98 -18.80 4.89
CA GLU A 141 8.04 -18.71 6.37
C GLU A 141 7.01 -19.60 7.09
N SER A 142 5.89 -19.94 6.43
CA SER A 142 4.83 -20.79 7.00
C SER A 142 4.24 -21.73 5.95
N THR A 143 3.84 -22.95 6.37
CA THR A 143 3.32 -24.06 5.54
C THR A 143 4.24 -24.53 4.39
N LYS A 144 5.32 -23.81 4.08
CA LYS A 144 6.24 -24.07 2.96
C LYS A 144 7.73 -24.13 3.36
N THR A 145 8.08 -23.68 4.57
CA THR A 145 9.42 -23.67 5.17
C THR A 145 10.13 -25.02 5.11
N GLY A 146 9.40 -26.12 5.36
CA GLY A 146 9.99 -27.46 5.43
C GLY A 146 10.38 -28.10 4.08
N ASN A 147 9.71 -27.71 2.99
CA ASN A 147 10.09 -28.03 1.60
C ASN A 147 9.11 -27.46 0.57
N ALA A 148 7.81 -27.36 0.91
CA ALA A 148 6.71 -27.14 -0.04
C ALA A 148 6.72 -25.79 -0.79
N GLY A 149 7.70 -24.92 -0.50
CA GLY A 149 8.10 -23.72 -1.24
C GLY A 149 9.56 -23.36 -1.02
N SER A 150 10.11 -23.64 0.17
CA SER A 150 11.55 -23.53 0.48
C SER A 150 12.38 -24.64 -0.20
N ARG A 151 12.20 -24.82 -1.52
CA ARG A 151 12.99 -25.75 -2.33
C ARG A 151 14.44 -25.30 -2.57
N LEU A 152 14.78 -24.07 -2.19
CA LEU A 152 16.15 -23.57 -2.23
C LEU A 152 16.91 -23.92 -0.94
N ALA A 153 16.41 -23.52 0.23
CA ALA A 153 17.10 -23.70 1.51
C ALA A 153 16.83 -25.06 2.18
N CYS A 154 15.59 -25.57 2.11
CA CYS A 154 15.24 -26.92 2.59
C CYS A 154 15.20 -27.98 1.47
N GLY A 155 15.38 -27.56 0.21
CA GLY A 155 15.34 -28.43 -0.97
C GLY A 155 16.64 -28.51 -1.76
N VAL A 156 17.79 -28.18 -1.15
CA VAL A 156 19.17 -28.21 -1.72
C VAL A 156 19.44 -29.45 -2.60
N ILE A 157 18.88 -30.60 -2.21
CA ILE A 157 18.99 -31.92 -2.84
C ILE A 157 17.68 -32.46 -3.45
N GLY A 158 16.58 -31.70 -3.42
CA GLY A 158 15.31 -32.00 -4.10
C GLY A 158 14.56 -33.30 -3.71
N ILE A 159 15.05 -34.10 -2.75
CA ILE A 159 14.58 -35.47 -2.42
C ILE A 159 13.08 -35.63 -2.09
N ALA A 160 12.36 -34.54 -1.89
CA ALA A 160 10.90 -34.54 -1.73
C ALA A 160 10.14 -34.79 -3.06
N GLN A 161 10.84 -34.66 -4.19
CA GLN A 161 10.33 -34.90 -5.55
C GLN A 161 11.23 -35.88 -6.33
N ALA A 9 22.74 37.28 -1.20
CA ALA A 9 23.99 36.74 -1.77
C ALA A 9 23.78 35.85 -3.04
N THR A 10 22.79 36.19 -3.86
CA THR A 10 22.51 35.50 -5.14
C THR A 10 22.35 36.49 -6.28
N LYS A 11 22.62 36.05 -7.51
CA LYS A 11 22.44 36.84 -8.74
C LYS A 11 21.09 36.62 -9.45
N ALA A 12 20.14 35.94 -8.80
CA ALA A 12 18.77 35.82 -9.28
C ALA A 12 17.90 36.94 -8.69
N VAL A 13 17.76 36.99 -7.36
CA VAL A 13 16.89 37.96 -6.69
C VAL A 13 17.48 39.38 -6.72
N CYS A 14 18.80 39.55 -6.77
CA CYS A 14 19.40 40.88 -6.88
C CYS A 14 19.11 41.61 -8.20
N VAL A 15 18.70 40.90 -9.26
CA VAL A 15 18.23 41.57 -10.49
C VAL A 15 16.85 42.20 -10.22
N LEU A 16 15.85 41.38 -9.87
CA LEU A 16 14.48 41.83 -9.60
C LEU A 16 14.27 42.55 -8.25
N LYS A 17 15.33 42.85 -7.49
CA LYS A 17 15.32 43.65 -6.23
C LYS A 17 16.58 44.49 -6.04
N GLY A 18 17.30 44.85 -7.12
CA GLY A 18 18.49 45.70 -7.07
C GLY A 18 18.71 46.39 -8.41
N ASP A 19 18.78 45.59 -9.46
CA ASP A 19 18.84 46.04 -10.88
C ASP A 19 17.43 46.34 -11.44
N GLY A 20 16.52 46.85 -10.60
CA GLY A 20 15.09 46.96 -10.91
C GLY A 20 14.35 48.09 -10.20
N PRO A 21 13.09 48.37 -10.59
CA PRO A 21 12.34 49.53 -10.13
C PRO A 21 12.00 49.47 -8.64
N VAL A 22 11.85 50.64 -8.01
CA VAL A 22 11.50 50.85 -6.59
C VAL A 22 10.22 50.14 -6.14
N GLN A 23 9.36 49.70 -7.07
CA GLN A 23 8.21 48.84 -6.78
C GLN A 23 8.60 47.52 -6.08
N GLY A 24 9.86 47.08 -6.20
CA GLY A 24 10.41 45.93 -5.49
C GLY A 24 10.54 46.14 -3.98
N ILE A 25 10.62 47.38 -3.50
CA ILE A 25 10.73 47.73 -2.07
C ILE A 25 9.35 47.70 -1.41
N ILE A 26 8.37 48.42 -1.96
CA ILE A 26 6.99 48.42 -1.46
C ILE A 26 6.38 47.00 -1.42
N ASN A 27 6.75 46.10 -2.34
CA ASN A 27 6.32 44.71 -2.36
C ASN A 27 7.17 43.78 -1.46
N PHE A 28 8.39 44.17 -1.07
CA PHE A 28 9.16 43.45 -0.06
C PHE A 28 8.56 43.71 1.32
N GLU A 29 8.44 44.99 1.72
CA GLU A 29 7.87 45.39 3.01
C GLU A 29 6.41 44.93 3.18
N GLN A 30 5.62 44.81 2.09
CA GLN A 30 4.23 44.34 2.18
C GLN A 30 4.09 42.98 2.90
N LYS A 31 5.07 42.10 2.73
CA LYS A 31 5.10 40.74 3.31
C LYS A 31 5.50 40.71 4.80
N GLU A 32 6.10 41.78 5.27
CA GLU A 32 6.62 41.94 6.63
C GLU A 32 5.75 42.94 7.45
N SER A 33 4.98 43.80 6.77
CA SER A 33 4.17 44.93 7.26
C SER A 33 3.36 44.72 8.54
N ASN A 34 2.58 43.65 8.64
CA ASN A 34 1.86 43.20 9.85
C ASN A 34 2.47 41.90 10.43
N GLY A 35 3.57 41.43 9.86
CA GLY A 35 4.28 40.23 10.23
C GLY A 35 4.17 39.09 9.20
N PRO A 36 4.79 37.94 9.51
CA PRO A 36 5.08 36.90 8.53
C PRO A 36 3.80 36.22 8.01
N VAL A 37 3.54 36.34 6.70
CA VAL A 37 2.37 35.75 6.01
C VAL A 37 2.14 34.26 6.28
N LYS A 38 3.20 33.50 6.57
CA LYS A 38 3.16 32.06 6.93
C LYS A 38 2.49 31.79 8.29
N VAL A 39 2.54 32.74 9.22
CA VAL A 39 1.80 32.70 10.48
C VAL A 39 0.48 33.43 10.30
N TRP A 40 0.50 34.65 9.75
CA TRP A 40 -0.73 35.44 9.62
C TRP A 40 -1.80 34.76 8.74
N GLY A 41 -1.39 33.93 7.78
CA GLY A 41 -2.27 33.03 7.03
C GLY A 41 -3.10 32.10 7.92
N SER A 42 -2.52 31.52 8.98
CA SER A 42 -3.25 30.63 9.89
C SER A 42 -4.13 31.39 10.89
N ILE A 43 -3.95 32.71 11.06
CA ILE A 43 -4.77 33.53 11.96
C ILE A 43 -5.92 34.21 11.21
N LYS A 44 -5.64 34.78 10.02
CA LYS A 44 -6.63 35.49 9.19
C LYS A 44 -7.64 34.56 8.53
N GLY A 45 -7.26 33.30 8.30
CA GLY A 45 -8.04 32.32 7.56
C GLY A 45 -7.27 31.03 7.33
N LEU A 46 -7.02 30.24 8.39
CA LEU A 46 -6.34 28.93 8.26
C LEU A 46 -6.99 28.00 7.22
N THR A 47 -8.32 28.02 7.13
CA THR A 47 -9.12 27.28 6.14
C THR A 47 -8.90 27.75 4.71
N GLU A 48 -8.61 29.04 4.50
CA GLU A 48 -8.27 29.61 3.20
C GLU A 48 -6.81 29.27 2.82
N GLY A 49 -5.91 29.29 3.80
CA GLY A 49 -4.50 28.92 3.62
C GLY A 49 -4.33 27.44 3.23
N LEU A 50 -5.04 26.51 3.87
CA LEU A 50 -4.95 25.10 3.49
C LEU A 50 -5.52 24.85 2.07
N HIS A 51 -6.67 25.41 1.72
CA HIS A 51 -7.27 25.20 0.39
C HIS A 51 -6.66 26.06 -0.72
N GLY A 52 -5.93 27.13 -0.39
CA GLY A 52 -5.25 28.01 -1.36
C GLY A 52 -3.73 27.88 -1.43
N PHE A 53 -3.11 27.05 -0.59
CA PHE A 53 -1.65 26.81 -0.58
C PHE A 53 -1.34 25.30 -0.62
N HIS A 54 -1.95 24.51 0.26
CA HIS A 54 -1.75 23.04 0.30
C HIS A 54 -2.36 22.32 -0.93
N VAL A 55 -3.33 22.96 -1.60
CA VAL A 55 -3.97 22.44 -2.83
C VAL A 55 -3.47 23.15 -4.10
N HIS A 56 -2.73 24.27 -3.99
CA HIS A 56 -2.30 25.09 -5.14
C HIS A 56 -0.78 25.12 -5.36
N GLU A 57 0.02 25.06 -4.29
CA GLU A 57 1.50 24.99 -4.31
C GLU A 57 2.03 23.72 -3.58
N PHE A 58 1.13 22.84 -3.12
CA PHE A 58 1.35 21.68 -2.23
C PHE A 58 1.87 22.01 -0.83
N GLY A 59 2.60 23.12 -0.65
CA GLY A 59 3.19 23.54 0.62
C GLY A 59 4.70 23.26 0.73
N ASP A 60 5.12 22.06 0.34
CA ASP A 60 6.54 21.62 0.37
C ASP A 60 7.11 21.19 -1.00
N ASN A 61 6.38 21.42 -2.10
CA ASN A 61 6.87 21.13 -3.45
C ASN A 61 6.90 22.37 -4.37
N THR A 62 5.82 22.64 -5.11
CA THR A 62 5.78 23.64 -6.20
C THR A 62 4.35 23.96 -6.63
N ALA A 63 3.61 22.92 -7.04
CA ALA A 63 2.24 23.01 -7.56
C ALA A 63 1.38 21.78 -7.19
N GLY A 64 2.02 20.61 -7.06
CA GLY A 64 1.34 19.39 -6.62
C GLY A 64 2.23 18.16 -6.73
N CYS A 65 2.82 17.69 -5.61
CA CYS A 65 3.75 16.54 -5.49
C CYS A 65 5.10 16.69 -6.23
N THR A 66 5.06 17.07 -7.51
CA THR A 66 6.20 17.40 -8.41
C THR A 66 5.68 17.94 -9.75
N SER A 67 4.49 17.51 -10.18
CA SER A 67 3.96 17.68 -11.54
C SER A 67 2.53 18.24 -11.63
N ALA A 68 1.74 18.11 -10.55
CA ALA A 68 0.32 18.46 -10.42
C ALA A 68 -0.65 17.71 -11.34
N GLY A 69 -0.30 17.50 -12.61
CA GLY A 69 -1.21 16.95 -13.63
C GLY A 69 -0.63 17.08 -15.05
N PRO A 70 -0.63 18.30 -15.63
CA PRO A 70 -0.21 18.53 -17.02
C PRO A 70 1.29 18.31 -17.27
N HIS A 71 2.11 18.27 -16.22
CA HIS A 71 3.58 18.16 -16.31
C HIS A 71 4.06 16.69 -16.29
N PHE A 72 3.24 15.77 -16.82
CA PHE A 72 3.27 14.30 -16.61
C PHE A 72 3.19 13.89 -15.13
N ASN A 73 1.97 13.69 -14.62
CA ASN A 73 1.77 13.14 -13.26
C ASN A 73 2.06 11.62 -13.21
N PRO A 74 1.33 10.75 -13.96
CA PRO A 74 1.65 9.33 -14.00
C PRO A 74 3.02 9.07 -14.64
N LEU A 75 3.57 7.88 -14.35
CA LEU A 75 4.84 7.38 -14.88
C LEU A 75 6.09 8.21 -14.48
N SER A 76 5.95 9.20 -13.58
CA SER A 76 7.00 10.16 -13.21
C SER A 76 7.07 10.34 -11.69
N ARG A 77 7.75 9.41 -11.00
CA ARG A 77 7.87 9.36 -9.51
C ARG A 77 6.53 9.43 -8.74
N LYS A 78 5.40 9.17 -9.42
CA LYS A 78 4.06 9.03 -8.83
C LYS A 78 4.04 7.91 -7.79
N HIS A 79 4.83 6.86 -8.05
CA HIS A 79 5.07 5.73 -7.17
C HIS A 79 5.77 6.18 -5.88
N GLY A 80 5.10 6.01 -4.73
CA GLY A 80 5.61 6.41 -3.41
C GLY A 80 5.75 7.93 -3.16
N GLY A 81 5.66 8.79 -4.17
CA GLY A 81 5.68 10.26 -4.06
C GLY A 81 4.68 10.83 -3.05
N PRO A 82 3.36 10.67 -3.27
CA PRO A 82 2.30 11.09 -2.33
C PRO A 82 2.19 10.18 -1.10
N LYS A 83 2.87 9.02 -1.09
CA LYS A 83 2.68 7.86 -0.18
C LYS A 83 1.27 7.25 -0.06
N ASP A 84 0.21 7.89 -0.56
CA ASP A 84 -1.16 7.36 -0.42
C ASP A 84 -1.84 6.94 -1.73
N GLU A 85 -1.18 7.08 -2.88
CA GLU A 85 -1.76 6.75 -4.19
C GLU A 85 -1.36 5.31 -4.59
N GLU A 86 -0.17 5.13 -5.13
CA GLU A 86 0.38 3.83 -5.55
C GLU A 86 0.56 2.84 -4.39
N ARG A 87 0.88 3.32 -3.17
CA ARG A 87 1.56 2.53 -2.11
C ARG A 87 0.90 1.18 -1.85
N HIS A 88 -0.32 1.24 -1.30
CA HIS A 88 -1.18 0.12 -0.91
C HIS A 88 -2.63 0.55 -0.65
N VAL A 89 -3.00 1.82 -0.90
CA VAL A 89 -4.27 2.41 -0.41
C VAL A 89 -5.05 3.26 -1.43
N GLY A 90 -4.43 3.85 -2.47
CA GLY A 90 -5.10 4.80 -3.38
C GLY A 90 -5.59 4.21 -4.70
N ASP A 91 -4.86 3.23 -5.26
CA ASP A 91 -5.41 2.25 -6.21
C ASP A 91 -5.56 0.88 -5.54
N LEU A 92 -4.46 0.27 -5.09
CA LEU A 92 -4.42 -1.13 -4.64
C LEU A 92 -5.38 -1.45 -3.47
N GLY A 93 -5.45 -0.57 -2.47
CA GLY A 93 -6.38 -0.70 -1.34
C GLY A 93 -7.72 0.00 -1.57
N ASN A 94 -7.79 0.90 -2.56
CA ASN A 94 -9.04 1.56 -2.94
C ASN A 94 -9.97 0.58 -3.68
N VAL A 95 -9.43 -0.30 -4.54
CA VAL A 95 -10.22 -1.33 -5.22
C VAL A 95 -10.68 -2.46 -4.30
N THR A 96 -10.13 -2.62 -3.10
CA THR A 96 -10.66 -3.51 -2.07
C THR A 96 -11.64 -2.76 -1.17
N ALA A 97 -11.27 -1.61 -0.61
CA ALA A 97 -12.13 -0.81 0.27
C ALA A 97 -13.42 -0.29 -0.41
N ASP A 98 -13.39 0.03 -1.71
CA ASP A 98 -14.59 0.39 -2.51
C ASP A 98 -15.33 -0.83 -3.13
N LYS A 99 -14.90 -2.06 -2.85
CA LYS A 99 -15.59 -3.30 -3.29
C LYS A 99 -16.07 -4.20 -2.16
N ASP A 100 -15.45 -4.09 -0.99
CA ASP A 100 -15.75 -4.83 0.23
C ASP A 100 -16.11 -3.89 1.40
N GLY A 101 -15.31 -2.83 1.62
CA GLY A 101 -15.51 -1.88 2.72
C GLY A 101 -15.25 -2.44 4.13
N VAL A 102 -14.43 -3.47 4.27
CA VAL A 102 -14.24 -4.29 5.48
C VAL A 102 -15.54 -5.01 5.91
N ALA A 103 -16.44 -5.28 4.96
CA ALA A 103 -17.65 -6.08 5.18
C ALA A 103 -17.48 -7.54 4.71
N ASP A 104 -16.81 -7.77 3.58
CA ASP A 104 -16.61 -9.08 2.98
C ASP A 104 -15.22 -9.61 3.32
N VAL A 105 -14.15 -8.82 3.16
CA VAL A 105 -12.75 -9.18 3.50
C VAL A 105 -12.59 -9.50 4.97
N SER A 106 -13.35 -8.82 5.85
CA SER A 106 -13.39 -9.11 7.29
C SER A 106 -13.89 -10.53 7.62
N ILE A 107 -14.64 -11.14 6.70
CA ILE A 107 -15.12 -12.52 6.81
C ILE A 107 -14.27 -13.45 5.93
N GLU A 108 -13.95 -13.09 4.68
CA GLU A 108 -13.15 -13.87 3.73
C GLU A 108 -11.71 -14.10 4.24
N ASP A 109 -10.94 -13.04 4.54
CA ASP A 109 -9.56 -13.17 5.01
C ASP A 109 -9.50 -13.94 6.35
N SER A 110 -10.48 -13.67 7.23
CA SER A 110 -10.70 -14.41 8.47
C SER A 110 -10.97 -15.90 8.25
N VAL A 111 -11.95 -16.25 7.41
CA VAL A 111 -12.35 -17.64 7.13
C VAL A 111 -11.28 -18.41 6.38
N ILE A 112 -10.66 -17.81 5.36
CA ILE A 112 -9.57 -18.45 4.60
C ILE A 112 -8.33 -18.64 5.49
N SER A 113 -7.99 -17.67 6.34
CA SER A 113 -6.88 -17.80 7.30
C SER A 113 -7.13 -18.86 8.38
N LEU A 114 -8.26 -18.79 9.10
CA LEU A 114 -8.59 -19.74 10.17
C LEU A 114 -8.83 -21.16 9.65
N SER A 115 -9.35 -21.29 8.42
CA SER A 115 -9.49 -22.60 7.76
C SER A 115 -8.14 -23.09 7.26
N GLY A 116 -7.25 -22.20 6.80
CA GLY A 116 -5.93 -22.53 6.32
C GLY A 116 -5.12 -23.34 7.32
N ASP A 117 -5.03 -22.87 8.57
CA ASP A 117 -4.25 -23.51 9.62
C ASP A 117 -4.74 -24.93 9.94
N HIS A 118 -6.05 -25.08 10.20
CA HIS A 118 -6.59 -26.42 10.57
C HIS A 118 -6.69 -27.36 9.38
N CYS A 119 -6.88 -26.86 8.15
CA CYS A 119 -6.86 -27.69 6.94
C CYS A 119 -5.45 -28.20 6.60
N ILE A 120 -4.39 -27.41 6.75
CA ILE A 120 -3.02 -27.88 6.43
C ILE A 120 -2.45 -28.81 7.51
N ILE A 121 -2.71 -28.55 8.80
CA ILE A 121 -2.31 -29.46 9.88
C ILE A 121 -3.17 -30.73 9.82
N GLY A 122 -4.50 -30.57 9.69
CA GLY A 122 -5.44 -31.66 9.54
C GLY A 122 -5.21 -32.52 8.30
N ARG A 123 -4.61 -31.99 7.22
CA ARG A 123 -4.28 -32.73 5.99
C ARG A 123 -3.30 -33.90 6.18
N THR A 124 -2.65 -34.00 7.33
CA THR A 124 -1.71 -35.09 7.70
C THR A 124 -2.29 -36.05 8.73
N LEU A 125 -3.18 -35.60 9.64
CA LEU A 125 -3.78 -36.45 10.68
C LEU A 125 -5.30 -36.60 10.54
N VAL A 126 -6.06 -35.50 10.43
CA VAL A 126 -7.52 -35.53 10.23
C VAL A 126 -7.88 -36.20 8.91
N VAL A 127 -7.10 -36.00 7.84
CA VAL A 127 -7.29 -36.74 6.59
C VAL A 127 -6.95 -38.23 6.75
N HIS A 128 -5.99 -38.59 7.62
CA HIS A 128 -5.70 -39.99 7.89
C HIS A 128 -6.84 -40.68 8.65
N GLU A 129 -7.21 -40.19 9.83
CA GLU A 129 -8.33 -40.72 10.62
C GLU A 129 -9.74 -40.47 10.02
N LYS A 130 -9.84 -39.91 8.81
CA LYS A 130 -11.13 -39.63 8.13
C LYS A 130 -11.22 -40.09 6.67
N ALA A 131 -10.09 -40.38 6.01
CA ALA A 131 -10.01 -40.91 4.65
C ALA A 131 -9.00 -42.06 4.50
N ASP A 132 -7.89 -42.05 5.24
CA ASP A 132 -6.77 -43.01 5.14
C ASP A 132 -6.77 -44.10 6.24
N ASP A 133 -7.88 -44.24 6.96
CA ASP A 133 -8.12 -45.29 7.97
C ASP A 133 -9.51 -45.92 7.76
N LEU A 134 -10.59 -45.35 8.35
CA LEU A 134 -11.95 -45.90 8.20
C LEU A 134 -12.57 -45.70 6.79
N GLY A 135 -12.20 -44.62 6.10
CA GLY A 135 -12.83 -44.23 4.83
C GLY A 135 -12.31 -44.99 3.61
N LYS A 136 -11.07 -45.51 3.71
CA LYS A 136 -10.40 -46.32 2.68
C LYS A 136 -9.25 -47.18 3.20
N GLY A 137 -8.61 -46.74 4.29
CA GLY A 137 -7.38 -47.31 4.83
C GLY A 137 -7.44 -48.80 5.13
N GLY A 138 -8.48 -49.23 5.85
CA GLY A 138 -8.76 -50.63 6.15
C GLY A 138 -9.22 -51.51 4.99
N ASN A 139 -9.36 -50.97 3.77
CA ASN A 139 -9.90 -51.69 2.60
C ASN A 139 -8.82 -52.06 1.56
N GLU A 140 -7.56 -52.15 1.97
CA GLU A 140 -6.39 -52.41 1.10
C GLU A 140 -6.08 -51.30 0.08
N GLU A 141 -6.60 -50.08 0.28
CA GLU A 141 -6.21 -48.92 -0.53
C GLU A 141 -4.95 -48.20 -0.01
N SER A 142 -4.72 -48.13 1.30
CA SER A 142 -3.52 -47.47 1.87
C SER A 142 -2.93 -48.16 3.11
N THR A 143 -3.47 -47.96 4.31
CA THR A 143 -2.95 -48.50 5.60
C THR A 143 -2.93 -50.03 5.63
N LYS A 144 -3.94 -50.69 5.07
CA LYS A 144 -3.93 -52.15 4.86
C LYS A 144 -2.99 -52.59 3.74
N THR A 145 -2.65 -51.71 2.79
CA THR A 145 -1.86 -52.05 1.60
C THR A 145 -0.36 -51.93 1.87
N GLY A 146 0.16 -50.75 2.26
CA GLY A 146 1.59 -50.50 2.38
C GLY A 146 2.42 -51.05 1.20
N ASN A 147 3.17 -52.11 1.46
CA ASN A 147 4.00 -52.83 0.47
C ASN A 147 3.21 -53.57 -0.63
N ALA A 148 1.88 -53.69 -0.54
CA ALA A 148 1.07 -54.26 -1.62
C ALA A 148 1.11 -53.37 -2.88
N GLY A 149 1.01 -52.05 -2.71
CA GLY A 149 1.01 -51.04 -3.77
C GLY A 149 2.25 -50.12 -3.77
N SER A 150 2.74 -49.69 -2.61
CA SER A 150 3.92 -48.80 -2.48
C SER A 150 5.25 -49.55 -2.65
N ARG A 151 5.36 -50.39 -3.69
CA ARG A 151 6.56 -51.18 -4.00
C ARG A 151 7.78 -50.35 -4.41
N LEU A 152 7.59 -49.05 -4.68
CA LEU A 152 8.69 -48.12 -4.95
C LEU A 152 9.21 -47.49 -3.65
N ALA A 153 8.38 -46.75 -2.92
CA ALA A 153 8.81 -46.00 -1.74
C ALA A 153 8.92 -46.85 -0.45
N CYS A 154 8.01 -47.82 -0.25
CA CYS A 154 8.10 -48.76 0.89
C CYS A 154 8.87 -50.03 0.48
N GLY A 155 8.68 -50.48 -0.77
CA GLY A 155 9.27 -51.71 -1.32
C GLY A 155 10.68 -51.56 -1.92
N VAL A 156 11.41 -50.46 -1.65
CA VAL A 156 12.79 -50.23 -2.16
C VAL A 156 13.76 -51.37 -1.82
N ILE A 157 13.53 -52.11 -0.73
CA ILE A 157 14.24 -53.32 -0.31
C ILE A 157 13.52 -54.63 -0.69
N GLY A 158 12.28 -54.57 -1.15
CA GLY A 158 11.48 -55.74 -1.55
C GLY A 158 12.09 -56.48 -2.75
N ILE A 159 12.91 -55.80 -3.55
CA ILE A 159 13.71 -56.40 -4.64
C ILE A 159 14.69 -57.48 -4.17
N ALA A 160 15.02 -57.55 -2.86
CA ALA A 160 15.82 -58.62 -2.27
C ALA A 160 15.00 -59.91 -1.98
N GLN A 161 13.69 -59.91 -2.25
CA GLN A 161 12.75 -61.01 -2.00
C GLN A 161 11.59 -61.03 -3.02
N ALA A 9 26.24 20.35 -9.73
CA ALA A 9 24.97 21.05 -9.52
C ALA A 9 23.86 20.24 -8.80
N THR A 10 24.22 19.37 -7.85
CA THR A 10 23.30 18.40 -7.20
C THR A 10 23.22 18.52 -5.68
N LYS A 11 23.86 19.55 -5.09
CA LYS A 11 23.78 19.90 -3.65
C LYS A 11 24.39 21.26 -3.36
N ALA A 12 25.63 21.49 -3.81
CA ALA A 12 26.33 22.77 -3.62
C ALA A 12 25.53 23.97 -4.20
N VAL A 13 24.97 23.83 -5.40
CA VAL A 13 24.09 24.85 -6.03
C VAL A 13 22.68 24.92 -5.47
N CYS A 14 22.35 24.09 -4.47
CA CYS A 14 21.10 24.14 -3.71
C CYS A 14 21.28 24.91 -2.39
N VAL A 15 22.51 25.17 -1.97
CA VAL A 15 22.83 26.15 -0.93
C VAL A 15 22.73 27.54 -1.55
N LEU A 16 23.71 27.95 -2.36
CA LEU A 16 23.83 29.31 -2.95
C LEU A 16 22.68 29.82 -3.86
N LYS A 17 21.59 29.07 -4.00
CA LYS A 17 20.34 29.40 -4.72
C LYS A 17 19.09 28.88 -3.99
N GLY A 18 19.21 28.47 -2.72
CA GLY A 18 18.13 27.94 -1.88
C GLY A 18 17.71 28.93 -0.80
N ASP A 19 18.69 29.66 -0.24
CA ASP A 19 18.47 30.82 0.63
C ASP A 19 18.44 32.13 -0.18
N GLY A 20 19.44 32.32 -1.05
CA GLY A 20 19.68 33.54 -1.81
C GLY A 20 20.49 34.58 -1.03
N PRO A 21 21.12 35.54 -1.75
CA PRO A 21 21.91 36.60 -1.11
C PRO A 21 21.06 37.60 -0.33
N VAL A 22 21.62 38.17 0.74
CA VAL A 22 20.99 39.20 1.60
C VAL A 22 20.48 40.45 0.87
N GLN A 23 20.89 40.65 -0.40
CA GLN A 23 20.31 41.70 -1.24
C GLN A 23 18.79 41.55 -1.42
N GLY A 24 18.21 40.36 -1.15
CA GLY A 24 16.78 40.13 -1.18
C GLY A 24 15.96 41.14 -0.36
N ILE A 25 16.53 41.75 0.69
CA ILE A 25 15.90 42.82 1.49
C ILE A 25 15.82 44.11 0.67
N ILE A 26 16.96 44.69 0.29
CA ILE A 26 17.02 45.94 -0.50
C ILE A 26 16.35 45.80 -1.88
N ASN A 27 16.36 44.61 -2.49
CA ASN A 27 15.65 44.32 -3.74
C ASN A 27 14.14 44.03 -3.56
N PHE A 28 13.68 43.64 -2.36
CA PHE A 28 12.26 43.58 -2.04
C PHE A 28 11.71 45.00 -1.88
N GLU A 29 12.30 45.77 -0.97
CA GLU A 29 11.87 47.14 -0.63
C GLU A 29 11.91 48.07 -1.86
N GLN A 30 12.91 47.93 -2.74
CA GLN A 30 12.97 48.62 -4.04
C GLN A 30 11.74 48.42 -4.93
N LYS A 31 11.05 47.28 -4.84
CA LYS A 31 9.84 47.00 -5.64
C LYS A 31 8.56 47.51 -4.97
N GLU A 32 8.64 47.89 -3.71
CA GLU A 32 7.51 48.38 -2.91
C GLU A 32 7.56 49.92 -2.75
N SER A 33 8.77 50.50 -2.83
CA SER A 33 9.14 51.93 -2.73
C SER A 33 8.09 52.93 -3.24
N ASN A 34 7.78 52.95 -4.54
CA ASN A 34 6.81 53.89 -5.12
C ASN A 34 5.35 53.42 -5.04
N GLY A 35 5.09 52.28 -4.39
CA GLY A 35 3.77 51.67 -4.23
C GLY A 35 3.10 51.16 -5.51
N PRO A 36 3.76 50.34 -6.36
CA PRO A 36 3.18 49.86 -7.60
C PRO A 36 1.99 48.89 -7.36
N VAL A 37 1.33 48.45 -8.44
CA VAL A 37 0.24 47.46 -8.43
C VAL A 37 0.56 46.15 -7.67
N LYS A 38 1.83 45.86 -7.38
CA LYS A 38 2.22 44.71 -6.54
C LYS A 38 1.74 44.86 -5.09
N VAL A 39 1.86 46.05 -4.50
CA VAL A 39 1.29 46.39 -3.18
C VAL A 39 -0.13 46.92 -3.32
N TRP A 40 -0.39 47.78 -4.31
CA TRP A 40 -1.70 48.41 -4.48
C TRP A 40 -2.81 47.40 -4.81
N GLY A 41 -2.46 46.29 -5.47
CA GLY A 41 -3.34 45.13 -5.65
C GLY A 41 -3.76 44.47 -4.34
N SER A 42 -2.96 44.56 -3.26
CA SER A 42 -3.37 44.14 -1.92
C SER A 42 -4.38 45.12 -1.33
N ILE A 43 -4.15 46.44 -1.46
CA ILE A 43 -4.96 47.48 -0.80
C ILE A 43 -6.31 47.72 -1.51
N LYS A 44 -6.38 47.50 -2.84
CA LYS A 44 -7.62 47.57 -3.65
C LYS A 44 -8.27 46.20 -3.87
N GLY A 45 -7.48 45.13 -3.97
CA GLY A 45 -7.98 43.76 -4.21
C GLY A 45 -8.51 43.07 -2.95
N LEU A 46 -8.21 43.57 -1.75
CA LEU A 46 -8.80 43.07 -0.52
C LEU A 46 -10.34 43.12 -0.50
N THR A 47 -10.96 44.05 -1.24
CA THR A 47 -12.43 44.15 -1.38
C THR A 47 -12.98 43.04 -2.25
N GLU A 48 -12.23 42.62 -3.26
CA GLU A 48 -12.61 41.55 -4.20
C GLU A 48 -12.57 40.21 -3.44
N GLY A 49 -11.50 39.96 -2.68
CA GLY A 49 -11.45 38.81 -1.78
C GLY A 49 -12.49 38.85 -0.65
N LEU A 50 -12.75 40.00 -0.02
CA LEU A 50 -13.72 40.08 1.09
C LEU A 50 -15.16 39.77 0.66
N HIS A 51 -15.56 40.15 -0.55
CA HIS A 51 -16.91 39.85 -1.04
C HIS A 51 -16.98 38.57 -1.92
N GLY A 52 -15.99 38.28 -2.76
CA GLY A 52 -15.94 37.03 -3.55
C GLY A 52 -15.67 35.78 -2.70
N PHE A 53 -14.73 35.88 -1.76
CA PHE A 53 -14.27 34.72 -0.99
C PHE A 53 -15.14 34.39 0.23
N HIS A 54 -16.10 35.25 0.63
CA HIS A 54 -17.01 34.94 1.75
C HIS A 54 -18.47 35.47 1.63
N VAL A 55 -18.84 36.15 0.54
CA VAL A 55 -20.17 36.79 0.38
C VAL A 55 -20.84 36.49 -0.98
N HIS A 56 -20.12 35.87 -1.91
CA HIS A 56 -20.61 35.47 -3.24
C HIS A 56 -21.13 34.02 -3.24
N GLU A 57 -20.24 33.05 -2.97
CA GLU A 57 -20.62 31.65 -2.66
C GLU A 57 -20.03 31.25 -1.28
N PHE A 58 -18.73 30.95 -1.25
CA PHE A 58 -18.04 30.44 -0.06
C PHE A 58 -16.50 30.59 -0.11
N GLY A 59 -15.95 31.08 -1.23
CA GLY A 59 -14.52 31.04 -1.49
C GLY A 59 -14.15 31.19 -2.96
N ASP A 60 -14.91 31.99 -3.71
CA ASP A 60 -14.68 32.35 -5.13
C ASP A 60 -14.42 31.15 -6.08
N ASN A 61 -14.97 29.97 -5.75
CA ASN A 61 -14.67 28.68 -6.39
C ASN A 61 -15.81 27.64 -6.26
N THR A 62 -16.33 27.41 -5.04
CA THR A 62 -17.49 26.53 -4.74
C THR A 62 -17.80 26.56 -3.23
N ALA A 63 -16.93 25.93 -2.42
CA ALA A 63 -17.14 25.70 -0.98
C ALA A 63 -15.93 26.11 -0.10
N GLY A 64 -14.82 26.52 -0.72
CA GLY A 64 -13.59 26.92 -0.05
C GLY A 64 -12.35 26.50 -0.84
N CYS A 65 -11.82 27.42 -1.67
CA CYS A 65 -10.68 27.23 -2.58
C CYS A 65 -10.86 26.18 -3.69
N THR A 66 -11.24 24.94 -3.36
CA THR A 66 -11.64 23.86 -4.30
C THR A 66 -12.13 22.65 -3.50
N SER A 67 -11.43 22.29 -2.41
CA SER A 67 -11.74 21.08 -1.63
C SER A 67 -12.49 21.36 -0.30
N ALA A 68 -12.30 22.54 0.28
CA ALA A 68 -12.83 23.03 1.56
C ALA A 68 -12.47 22.21 2.82
N GLY A 69 -12.65 20.89 2.79
CA GLY A 69 -12.41 19.95 3.86
C GLY A 69 -11.73 18.66 3.35
N PRO A 70 -11.94 17.50 4.03
CA PRO A 70 -11.29 16.24 3.70
C PRO A 70 -11.98 15.56 2.49
N HIS A 71 -11.84 16.13 1.30
CA HIS A 71 -12.48 15.72 0.04
C HIS A 71 -14.02 15.69 0.11
N PHE A 72 -14.62 14.64 0.68
CA PHE A 72 -16.06 14.51 0.87
C PHE A 72 -16.53 15.37 2.05
N ASN A 73 -16.81 16.64 1.76
CA ASN A 73 -17.30 17.62 2.73
C ASN A 73 -18.56 17.13 3.48
N PRO A 74 -18.79 17.57 4.73
CA PRO A 74 -19.94 17.13 5.50
C PRO A 74 -21.28 17.52 4.85
N LEU A 75 -22.34 16.86 5.29
CA LEU A 75 -23.72 17.02 4.82
C LEU A 75 -23.96 16.64 3.33
N SER A 76 -22.95 16.10 2.63
CA SER A 76 -23.02 15.65 1.24
C SER A 76 -22.53 14.19 1.12
N ARG A 77 -23.46 13.22 1.06
CA ARG A 77 -23.22 11.75 1.01
C ARG A 77 -22.27 11.13 2.04
N LYS A 78 -21.71 11.90 2.99
CA LYS A 78 -20.73 11.49 3.99
C LYS A 78 -21.14 10.39 4.99
N HIS A 79 -22.29 9.74 4.77
CA HIS A 79 -22.76 8.56 5.48
C HIS A 79 -22.88 7.45 4.42
N GLY A 80 -21.80 6.66 4.31
CA GLY A 80 -21.35 5.99 3.09
C GLY A 80 -19.88 6.44 2.88
N GLY A 81 -19.43 6.66 1.65
CA GLY A 81 -18.11 7.23 1.26
C GLY A 81 -17.00 7.16 2.32
N PRO A 82 -16.87 8.15 3.23
CA PRO A 82 -15.79 8.20 4.22
C PRO A 82 -15.89 7.19 5.38
N LYS A 83 -16.66 6.09 5.23
CA LYS A 83 -16.82 4.97 6.18
C LYS A 83 -17.32 3.73 5.43
N ASP A 84 -16.54 2.63 5.42
CA ASP A 84 -16.81 1.39 4.67
C ASP A 84 -16.75 1.50 3.11
N GLU A 85 -16.34 2.67 2.59
CA GLU A 85 -16.00 2.91 1.17
C GLU A 85 -14.52 3.40 1.09
N GLU A 86 -14.28 4.71 1.08
CA GLU A 86 -12.96 5.34 0.91
C GLU A 86 -11.98 4.94 2.04
N ARG A 87 -12.50 4.78 3.26
CA ARG A 87 -11.73 4.43 4.47
C ARG A 87 -11.79 2.95 4.81
N HIS A 88 -12.02 2.08 3.82
CA HIS A 88 -11.78 0.65 3.93
C HIS A 88 -10.51 0.32 3.13
N VAL A 89 -10.59 0.53 1.81
CA VAL A 89 -9.52 0.16 0.86
C VAL A 89 -8.90 1.34 0.13
N GLY A 90 -9.53 2.51 0.09
CA GLY A 90 -9.07 3.68 -0.68
C GLY A 90 -7.79 4.34 -0.16
N ASP A 91 -7.74 4.63 1.15
CA ASP A 91 -6.56 5.25 1.83
C ASP A 91 -6.12 4.48 3.09
N LEU A 92 -6.79 3.38 3.43
CA LEU A 92 -6.34 2.41 4.43
C LEU A 92 -5.66 1.23 3.75
N GLY A 93 -6.42 0.31 3.14
CA GLY A 93 -5.86 -0.87 2.45
C GLY A 93 -4.79 -0.53 1.41
N ASN A 94 -5.00 0.52 0.61
CA ASN A 94 -4.04 1.06 -0.37
C ASN A 94 -2.70 1.50 0.23
N VAL A 95 -2.57 1.78 1.54
CA VAL A 95 -1.25 2.03 2.15
C VAL A 95 -0.58 0.73 2.57
N THR A 96 -1.33 -0.27 3.02
CA THR A 96 -0.79 -1.57 3.46
C THR A 96 -0.54 -2.56 2.31
N ALA A 97 -1.12 -2.32 1.13
CA ALA A 97 -0.91 -3.06 -0.11
C ALA A 97 0.47 -2.70 -0.74
N ASP A 98 0.53 -2.20 -1.98
CA ASP A 98 1.76 -1.90 -2.75
C ASP A 98 2.71 -0.87 -2.09
N LYS A 99 2.34 -0.31 -0.93
CA LYS A 99 3.03 0.76 -0.20
C LYS A 99 3.67 0.29 1.13
N ASP A 100 3.46 -0.97 1.51
CA ASP A 100 4.04 -1.60 2.73
C ASP A 100 4.33 -3.08 2.48
N GLY A 101 3.45 -3.77 1.74
CA GLY A 101 3.51 -5.19 1.43
C GLY A 101 2.91 -6.09 2.51
N VAL A 102 2.55 -5.56 3.69
CA VAL A 102 1.97 -6.38 4.77
C VAL A 102 0.60 -6.91 4.40
N ALA A 103 -0.25 -6.16 3.67
CA ALA A 103 -1.54 -6.67 3.21
C ALA A 103 -1.40 -7.60 2.01
N ASP A 104 -0.50 -7.29 1.07
CA ASP A 104 -0.25 -8.14 -0.09
C ASP A 104 0.34 -9.49 0.33
N VAL A 105 1.47 -9.50 1.06
CA VAL A 105 2.13 -10.74 1.50
C VAL A 105 1.24 -11.57 2.44
N SER A 106 0.46 -10.93 3.34
CA SER A 106 -0.46 -11.67 4.24
C SER A 106 -1.64 -12.33 3.52
N ILE A 107 -1.91 -11.96 2.26
CA ILE A 107 -2.95 -12.58 1.43
C ILE A 107 -2.33 -13.48 0.35
N GLU A 108 -1.20 -13.09 -0.25
CA GLU A 108 -0.51 -13.84 -1.31
C GLU A 108 0.25 -15.06 -0.77
N ASP A 109 1.08 -14.93 0.26
CA ASP A 109 1.72 -16.10 0.90
C ASP A 109 0.65 -17.03 1.48
N SER A 110 -0.40 -16.45 2.06
CA SER A 110 -1.57 -17.17 2.56
C SER A 110 -2.27 -17.98 1.46
N VAL A 111 -2.70 -17.39 0.34
CA VAL A 111 -3.43 -18.11 -0.72
C VAL A 111 -2.55 -19.13 -1.48
N ILE A 112 -1.25 -18.84 -1.63
CA ILE A 112 -0.28 -19.74 -2.28
C ILE A 112 0.08 -20.91 -1.34
N SER A 113 0.18 -20.69 -0.04
CA SER A 113 0.43 -21.75 0.96
C SER A 113 -0.84 -22.59 1.23
N LEU A 114 -2.00 -21.95 1.38
CA LEU A 114 -3.29 -22.61 1.58
C LEU A 114 -3.74 -23.43 0.36
N SER A 115 -3.28 -23.13 -0.85
CA SER A 115 -3.40 -23.99 -2.06
C SER A 115 -2.85 -25.41 -1.86
N GLY A 116 -2.16 -25.68 -0.74
CA GLY A 116 -1.93 -27.04 -0.24
C GLY A 116 -3.22 -27.84 0.05
N ASP A 117 -4.37 -27.19 0.25
CA ASP A 117 -5.65 -27.85 0.50
C ASP A 117 -6.03 -28.82 -0.64
N HIS A 118 -5.85 -28.41 -1.89
CA HIS A 118 -6.02 -29.24 -3.08
C HIS A 118 -4.71 -29.91 -3.53
N CYS A 119 -3.57 -29.21 -3.43
CA CYS A 119 -2.29 -29.70 -3.92
C CYS A 119 -1.71 -30.84 -3.07
N ILE A 120 -1.87 -30.83 -1.74
CA ILE A 120 -1.36 -31.89 -0.85
C ILE A 120 -2.27 -33.11 -0.92
N ILE A 121 -3.59 -32.96 -0.82
CA ILE A 121 -4.52 -34.11 -0.93
C ILE A 121 -4.40 -34.79 -2.30
N GLY A 122 -4.17 -34.00 -3.37
CA GLY A 122 -3.85 -34.50 -4.68
C GLY A 122 -2.49 -35.19 -4.74
N ARG A 123 -1.44 -34.61 -4.14
CA ARG A 123 -0.10 -35.23 -4.08
C ARG A 123 -0.06 -36.54 -3.30
N THR A 124 -1.00 -36.80 -2.39
CA THR A 124 -1.13 -38.14 -1.80
C THR A 124 -1.64 -39.15 -2.83
N LEU A 125 -2.82 -38.94 -3.43
CA LEU A 125 -3.50 -39.98 -4.24
C LEU A 125 -3.28 -39.90 -5.76
N VAL A 126 -3.07 -38.70 -6.31
CA VAL A 126 -2.78 -38.47 -7.75
C VAL A 126 -1.30 -38.72 -8.03
N VAL A 127 -0.45 -38.36 -7.08
CA VAL A 127 1.02 -38.57 -7.17
C VAL A 127 1.43 -39.80 -6.34
N HIS A 128 0.49 -40.69 -6.00
CA HIS A 128 0.74 -41.96 -5.31
C HIS A 128 1.79 -42.79 -6.06
N GLU A 129 1.65 -42.93 -7.38
CA GLU A 129 2.63 -43.57 -8.28
C GLU A 129 4.05 -42.97 -8.20
N LYS A 130 4.17 -41.69 -7.80
CA LYS A 130 5.43 -40.93 -7.82
C LYS A 130 5.96 -40.54 -6.44
N ALA A 131 5.28 -40.96 -5.37
CA ALA A 131 5.68 -40.79 -3.98
C ALA A 131 5.69 -42.15 -3.26
N ASP A 132 4.60 -42.91 -3.37
CA ASP A 132 4.31 -44.15 -2.63
C ASP A 132 4.42 -45.42 -3.52
N ASP A 133 4.89 -45.26 -4.76
CA ASP A 133 5.42 -46.36 -5.58
C ASP A 133 6.89 -46.04 -5.95
N LEU A 134 7.16 -45.38 -7.08
CA LEU A 134 8.56 -45.17 -7.54
C LEU A 134 9.35 -44.21 -6.64
N GLY A 135 8.67 -43.26 -5.99
CA GLY A 135 9.32 -42.18 -5.23
C GLY A 135 9.96 -42.60 -3.92
N LYS A 136 9.36 -43.59 -3.25
CA LYS A 136 9.83 -44.18 -1.98
C LYS A 136 9.21 -45.55 -1.69
N GLY A 137 7.96 -45.78 -2.10
CA GLY A 137 7.16 -46.94 -1.69
C GLY A 137 7.70 -48.30 -2.14
N GLY A 138 8.31 -48.43 -3.33
CA GLY A 138 8.85 -49.70 -3.81
C GLY A 138 10.31 -49.99 -3.42
N ASN A 139 11.07 -48.98 -2.98
CA ASN A 139 12.51 -49.09 -2.71
C ASN A 139 13.00 -48.27 -1.49
N GLU A 140 12.16 -48.05 -0.50
CA GLU A 140 12.57 -47.53 0.82
C GLU A 140 11.49 -47.85 1.86
N GLU A 141 10.28 -47.31 1.70
CA GLU A 141 9.23 -47.42 2.72
C GLU A 141 8.47 -48.76 2.70
N SER A 142 8.34 -49.39 1.52
CA SER A 142 7.88 -50.77 1.37
C SER A 142 8.83 -51.59 0.49
N THR A 143 8.70 -52.92 0.53
CA THR A 143 9.55 -53.96 -0.12
C THR A 143 11.03 -53.97 0.28
N LYS A 144 11.61 -52.82 0.69
CA LYS A 144 13.04 -52.56 0.94
C LYS A 144 13.34 -52.11 2.37
N THR A 145 12.35 -51.64 3.12
CA THR A 145 12.39 -51.18 4.55
C THR A 145 13.07 -52.16 5.52
N GLY A 146 13.27 -53.40 5.11
CA GLY A 146 13.69 -54.51 5.95
C GLY A 146 12.52 -55.45 6.17
N ASN A 147 11.65 -55.12 7.13
CA ASN A 147 10.58 -56.03 7.57
C ASN A 147 9.22 -55.90 6.87
N ALA A 148 9.00 -54.91 5.99
CA ALA A 148 7.76 -54.76 5.24
C ALA A 148 7.37 -56.06 4.51
N GLY A 149 8.30 -56.61 3.72
CA GLY A 149 8.11 -57.90 3.02
C GLY A 149 9.00 -59.03 3.56
N SER A 150 10.25 -58.76 3.95
CA SER A 150 11.25 -59.79 4.30
C SER A 150 11.07 -60.36 5.72
N ARG A 151 9.84 -60.63 6.15
CA ARG A 151 9.51 -61.21 7.47
C ARG A 151 10.10 -62.61 7.72
N LEU A 152 10.72 -63.25 6.71
CA LEU A 152 11.47 -64.49 6.87
C LEU A 152 12.95 -64.25 7.16
N ALA A 153 13.65 -63.50 6.28
CA ALA A 153 15.10 -63.30 6.41
C ALA A 153 15.51 -62.09 7.28
N CYS A 154 14.69 -61.04 7.30
CA CYS A 154 14.84 -59.87 8.18
C CYS A 154 13.93 -59.95 9.43
N GLY A 155 12.89 -60.80 9.38
CA GLY A 155 11.90 -60.97 10.45
C GLY A 155 12.02 -62.25 11.26
N VAL A 156 13.22 -62.84 11.36
CA VAL A 156 13.50 -64.08 12.13
C VAL A 156 12.96 -64.06 13.56
N ILE A 157 12.78 -62.87 14.15
CA ILE A 157 12.13 -62.62 15.44
C ILE A 157 10.82 -61.80 15.35
N GLY A 158 10.48 -61.26 14.18
CA GLY A 158 9.25 -60.47 13.98
C GLY A 158 7.99 -61.28 14.22
N ILE A 159 8.06 -62.60 14.00
CA ILE A 159 6.96 -63.54 14.25
C ILE A 159 6.67 -63.73 15.76
N ALA A 160 7.49 -63.17 16.65
CA ALA A 160 7.21 -63.13 18.09
C ALA A 160 6.34 -61.94 18.53
N GLN A 161 6.19 -60.92 17.66
CA GLN A 161 5.53 -59.64 17.96
C GLN A 161 4.76 -59.12 16.72
N ALA A 9 26.57 34.72 -0.64
CA ALA A 9 27.15 35.30 -1.87
C ALA A 9 28.50 34.64 -2.31
N THR A 10 29.15 35.19 -3.35
CA THR A 10 30.45 34.71 -3.86
C THR A 10 31.24 35.80 -4.59
N LYS A 11 32.56 35.83 -4.41
CA LYS A 11 33.48 36.83 -5.00
C LYS A 11 33.86 36.61 -6.47
N ALA A 12 33.41 35.53 -7.11
CA ALA A 12 33.66 35.31 -8.54
C ALA A 12 32.59 36.02 -9.41
N VAL A 13 31.32 35.69 -9.18
CA VAL A 13 30.21 36.28 -9.94
C VAL A 13 29.90 37.73 -9.54
N CYS A 14 30.31 38.18 -8.36
CA CYS A 14 30.15 39.59 -7.94
C CYS A 14 31.06 40.57 -8.68
N VAL A 15 32.13 40.13 -9.36
CA VAL A 15 32.97 41.01 -10.18
C VAL A 15 32.30 41.21 -11.54
N LEU A 16 32.16 40.11 -12.30
CA LEU A 16 31.53 40.12 -13.64
C LEU A 16 30.03 40.53 -13.69
N LYS A 17 29.40 40.81 -12.53
CA LYS A 17 28.04 41.37 -12.40
C LYS A 17 27.94 42.50 -11.34
N GLY A 18 29.06 43.03 -10.84
CA GLY A 18 29.09 44.20 -9.95
C GLY A 18 29.27 45.47 -10.77
N ASP A 19 30.39 45.54 -11.46
CA ASP A 19 30.78 46.63 -12.38
C ASP A 19 30.05 46.56 -13.75
N GLY A 20 29.30 45.47 -13.99
CA GLY A 20 28.57 45.22 -15.24
C GLY A 20 27.12 45.74 -15.27
N PRO A 21 26.44 45.66 -16.42
CA PRO A 21 25.10 46.22 -16.60
C PRO A 21 24.03 45.49 -15.76
N VAL A 22 22.95 46.20 -15.43
CA VAL A 22 21.80 45.72 -14.60
C VAL A 22 21.15 44.41 -15.07
N GLN A 23 21.37 43.98 -16.32
CA GLN A 23 20.99 42.64 -16.78
C GLN A 23 21.62 41.54 -15.90
N GLY A 24 22.75 41.82 -15.26
CA GLY A 24 23.41 40.94 -14.30
C GLY A 24 22.65 40.77 -12.99
N ILE A 25 21.79 41.73 -12.59
CA ILE A 25 20.97 41.68 -11.38
C ILE A 25 19.74 40.79 -11.61
N ILE A 26 19.02 41.01 -12.70
CA ILE A 26 17.86 40.16 -13.09
C ILE A 26 18.30 38.69 -13.28
N ASN A 27 19.50 38.43 -13.80
CA ASN A 27 20.11 37.08 -13.87
C ASN A 27 20.84 36.63 -12.57
N PHE A 28 20.89 37.43 -11.53
CA PHE A 28 21.24 37.00 -10.17
C PHE A 28 19.95 36.54 -9.46
N GLU A 29 18.97 37.41 -9.30
CA GLU A 29 17.71 37.08 -8.61
C GLU A 29 16.98 35.89 -9.27
N GLN A 30 17.02 35.72 -10.62
CA GLN A 30 16.37 34.59 -11.29
C GLN A 30 16.84 33.21 -10.82
N LYS A 31 18.07 33.08 -10.31
CA LYS A 31 18.64 31.79 -9.85
C LYS A 31 18.37 31.50 -8.37
N GLU A 32 18.10 32.54 -7.57
CA GLU A 32 17.85 32.43 -6.12
C GLU A 32 16.39 32.74 -5.77
N SER A 33 15.59 33.25 -6.72
CA SER A 33 14.15 33.61 -6.64
C SER A 33 13.31 32.60 -5.87
N ASN A 34 13.45 31.31 -6.20
CA ASN A 34 12.74 30.21 -5.55
C ASN A 34 13.68 29.33 -4.69
N GLY A 35 14.94 29.74 -4.49
CA GLY A 35 15.96 29.08 -3.69
C GLY A 35 15.57 28.99 -2.20
N PRO A 36 15.42 30.11 -1.46
CA PRO A 36 14.95 30.06 -0.08
C PRO A 36 13.50 29.61 -0.01
N VAL A 37 12.70 29.82 -1.08
CA VAL A 37 11.30 29.39 -1.16
C VAL A 37 11.15 27.87 -1.20
N LYS A 38 12.09 27.13 -1.84
CA LYS A 38 12.07 25.66 -1.84
C LYS A 38 12.38 25.05 -0.46
N VAL A 39 13.25 25.68 0.34
CA VAL A 39 13.55 25.21 1.71
C VAL A 39 12.48 25.71 2.69
N TRP A 40 12.15 27.01 2.71
CA TRP A 40 11.16 27.62 3.61
C TRP A 40 9.73 27.17 3.31
N GLY A 41 9.43 26.82 2.05
CA GLY A 41 8.16 26.23 1.64
C GLY A 41 7.83 24.90 2.31
N SER A 42 8.84 24.18 2.83
CA SER A 42 8.66 23.05 3.73
C SER A 42 8.38 23.53 5.17
N ILE A 43 9.21 24.44 5.70
CA ILE A 43 9.14 24.91 7.10
C ILE A 43 7.81 25.57 7.45
N LYS A 44 7.26 26.40 6.55
CA LYS A 44 5.93 26.99 6.77
C LYS A 44 4.81 25.94 6.73
N GLY A 45 4.98 24.84 5.98
CA GLY A 45 3.97 23.80 5.76
C GLY A 45 3.89 22.77 6.87
N LEU A 46 5.04 22.31 7.39
CA LEU A 46 5.07 21.43 8.57
C LEU A 46 4.49 22.11 9.82
N THR A 47 4.49 23.45 9.84
CA THR A 47 3.86 24.24 10.92
C THR A 47 2.32 24.21 10.84
N GLU A 48 1.74 23.96 9.67
CA GLU A 48 0.29 23.85 9.47
C GLU A 48 -0.20 22.46 9.93
N GLY A 49 0.58 21.40 9.72
CA GLY A 49 0.27 20.06 10.22
C GLY A 49 0.29 19.94 11.77
N LEU A 50 1.27 20.56 12.42
CA LEU A 50 1.40 20.49 13.89
C LEU A 50 0.32 21.27 14.68
N HIS A 51 -0.49 22.10 14.00
CA HIS A 51 -1.63 22.82 14.62
C HIS A 51 -2.98 22.49 13.97
N GLY A 52 -3.01 22.08 12.71
CA GLY A 52 -4.22 21.70 11.96
C GLY A 52 -4.48 20.20 11.86
N PHE A 53 -3.56 19.35 12.31
CA PHE A 53 -3.67 17.89 12.28
C PHE A 53 -3.35 17.27 13.63
N HIS A 54 -2.21 17.66 14.23
CA HIS A 54 -1.78 17.24 15.58
C HIS A 54 -2.66 17.78 16.72
N VAL A 55 -3.63 18.65 16.41
CA VAL A 55 -4.58 19.26 17.35
C VAL A 55 -6.04 19.15 16.83
N HIS A 56 -6.27 18.42 15.73
CA HIS A 56 -7.58 18.24 15.11
C HIS A 56 -8.03 16.78 15.09
N GLU A 57 -7.07 15.85 14.88
CA GLU A 57 -7.32 14.41 14.94
C GLU A 57 -6.36 13.67 15.91
N PHE A 58 -5.05 13.80 15.67
CA PHE A 58 -3.93 13.27 16.50
C PHE A 58 -2.60 13.71 15.90
N GLY A 59 -2.51 13.75 14.56
CA GLY A 59 -1.30 14.08 13.80
C GLY A 59 -0.89 12.95 12.84
N ASP A 60 -1.69 12.73 11.79
CA ASP A 60 -1.44 11.73 10.73
C ASP A 60 -1.25 10.28 11.24
N ASN A 61 -1.89 9.95 12.36
CA ASN A 61 -1.78 8.65 13.00
C ASN A 61 -3.04 8.18 13.75
N THR A 62 -4.12 8.98 13.78
CA THR A 62 -5.25 8.93 14.74
C THR A 62 -5.81 7.54 15.03
N ALA A 63 -6.02 6.74 13.98
CA ALA A 63 -6.33 5.31 14.11
C ALA A 63 -5.42 4.42 13.24
N GLY A 64 -4.53 5.01 12.43
CA GLY A 64 -3.68 4.31 11.48
C GLY A 64 -3.51 5.15 10.21
N CYS A 65 -2.46 5.96 10.16
CA CYS A 65 -2.40 7.09 9.23
C CYS A 65 -3.69 7.92 9.39
N THR A 66 -4.38 8.21 8.28
CA THR A 66 -5.66 8.94 8.21
C THR A 66 -6.89 8.07 7.98
N SER A 67 -6.75 6.77 7.76
CA SER A 67 -7.85 5.91 7.27
C SER A 67 -7.98 4.54 7.95
N ALA A 68 -6.87 4.02 8.50
CA ALA A 68 -6.67 2.73 9.19
C ALA A 68 -7.07 1.44 8.44
N GLY A 69 -8.27 1.43 7.88
CA GLY A 69 -8.96 0.32 7.25
C GLY A 69 -10.48 0.59 7.29
N PRO A 70 -11.16 0.32 8.43
CA PRO A 70 -12.61 0.40 8.55
C PRO A 70 -13.20 1.81 8.36
N HIS A 71 -12.39 2.87 8.34
CA HIS A 71 -12.84 4.25 8.09
C HIS A 71 -12.80 4.64 6.59
N PHE A 72 -12.35 3.73 5.72
CA PHE A 72 -12.19 3.95 4.27
C PHE A 72 -12.59 2.74 3.38
N ASN A 73 -12.44 1.51 3.89
CA ASN A 73 -12.82 0.28 3.19
C ASN A 73 -14.31 0.27 2.77
N PRO A 74 -14.68 -0.53 1.75
CA PRO A 74 -16.07 -0.76 1.41
C PRO A 74 -16.87 -1.38 2.58
N LEU A 75 -18.19 -1.43 2.41
CA LEU A 75 -19.17 -1.99 3.36
C LEU A 75 -19.30 -1.22 4.69
N SER A 76 -18.34 -0.35 5.04
CA SER A 76 -18.35 0.47 6.26
C SER A 76 -18.70 1.94 5.95
N ARG A 77 -19.99 2.31 6.13
CA ARG A 77 -20.55 3.67 5.88
C ARG A 77 -20.25 4.30 4.49
N LYS A 78 -19.66 3.55 3.56
CA LYS A 78 -18.98 4.02 2.32
C LYS A 78 -19.93 4.48 1.17
N HIS A 79 -21.22 4.63 1.44
CA HIS A 79 -22.28 5.02 0.48
C HIS A 79 -22.25 4.26 -0.85
N GLY A 80 -22.41 2.94 -0.77
CA GLY A 80 -22.53 2.04 -1.92
C GLY A 80 -22.99 0.67 -1.47
N GLY A 81 -22.11 -0.09 -0.80
CA GLY A 81 -22.35 -1.45 -0.28
C GLY A 81 -23.80 -1.72 0.17
N PRO A 82 -24.27 -1.18 1.32
CA PRO A 82 -25.63 -1.37 1.82
C PRO A 82 -26.72 -0.56 1.07
N LYS A 83 -26.56 -0.48 -0.26
CA LYS A 83 -27.51 0.03 -1.28
C LYS A 83 -27.36 -0.73 -2.63
N ASP A 84 -26.37 -1.62 -2.72
CA ASP A 84 -25.90 -2.29 -3.93
C ASP A 84 -25.98 -3.82 -3.69
N GLU A 85 -25.07 -4.37 -2.88
CA GLU A 85 -25.05 -5.81 -2.51
C GLU A 85 -26.25 -6.23 -1.66
N GLU A 86 -26.64 -5.43 -0.66
CA GLU A 86 -27.83 -5.64 0.19
C GLU A 86 -29.11 -5.80 -0.63
N ARG A 87 -29.18 -5.10 -1.78
CA ARG A 87 -30.35 -5.04 -2.67
C ARG A 87 -30.25 -6.00 -3.84
N HIS A 88 -29.14 -6.72 -3.96
CA HIS A 88 -28.86 -7.71 -4.98
C HIS A 88 -28.93 -9.13 -4.41
N VAL A 89 -28.34 -9.36 -3.23
CA VAL A 89 -28.30 -10.66 -2.55
C VAL A 89 -28.72 -10.60 -1.07
N GLY A 90 -28.60 -9.46 -0.38
CA GLY A 90 -28.91 -9.32 1.06
C GLY A 90 -30.38 -9.59 1.43
N ASP A 91 -31.32 -8.78 0.92
CA ASP A 91 -32.77 -8.93 1.17
C ASP A 91 -33.50 -9.63 -0.01
N LEU A 92 -32.85 -9.71 -1.17
CA LEU A 92 -33.36 -10.38 -2.38
C LEU A 92 -32.91 -11.85 -2.41
N GLY A 93 -31.60 -12.09 -2.53
CA GLY A 93 -31.04 -13.43 -2.65
C GLY A 93 -31.33 -14.33 -1.46
N ASN A 94 -31.23 -13.80 -0.23
CA ASN A 94 -31.46 -14.53 1.01
C ASN A 94 -32.87 -15.14 1.11
N VAL A 95 -33.89 -14.53 0.49
CA VAL A 95 -35.24 -15.09 0.45
C VAL A 95 -35.26 -16.36 -0.41
N THR A 96 -34.81 -16.31 -1.66
CA THR A 96 -34.81 -17.45 -2.57
C THR A 96 -33.63 -18.42 -2.37
N ALA A 97 -32.68 -18.11 -1.48
CA ALA A 97 -31.64 -19.04 -1.02
C ALA A 97 -32.25 -20.34 -0.45
N ASP A 98 -33.10 -20.21 0.58
CA ASP A 98 -33.82 -21.33 1.21
C ASP A 98 -35.17 -21.64 0.55
N LYS A 99 -35.78 -20.67 -0.17
CA LYS A 99 -37.13 -20.82 -0.75
C LYS A 99 -37.22 -21.34 -2.18
N ASP A 100 -36.06 -21.52 -2.83
CA ASP A 100 -35.95 -21.89 -4.24
C ASP A 100 -34.65 -22.67 -4.49
N GLY A 101 -33.54 -22.27 -3.88
CA GLY A 101 -32.26 -22.96 -4.01
C GLY A 101 -31.54 -22.64 -5.32
N VAL A 102 -31.87 -21.53 -5.98
CA VAL A 102 -31.16 -21.04 -7.18
C VAL A 102 -30.58 -19.64 -6.97
N ALA A 103 -31.18 -18.76 -6.17
CA ALA A 103 -30.66 -17.40 -5.99
C ALA A 103 -29.29 -17.33 -5.29
N ASP A 104 -29.09 -18.15 -4.26
CA ASP A 104 -27.80 -18.31 -3.58
C ASP A 104 -26.91 -19.32 -4.30
N VAL A 105 -27.41 -20.52 -4.57
CA VAL A 105 -26.65 -21.60 -5.21
C VAL A 105 -26.11 -21.21 -6.61
N SER A 106 -26.78 -20.32 -7.36
CA SER A 106 -26.24 -19.78 -8.62
C SER A 106 -24.98 -18.96 -8.43
N ILE A 107 -24.83 -18.23 -7.31
CA ILE A 107 -23.59 -17.53 -6.98
C ILE A 107 -22.61 -18.39 -6.16
N GLU A 108 -23.07 -19.29 -5.29
CA GLU A 108 -22.17 -20.20 -4.56
C GLU A 108 -21.57 -21.29 -5.47
N ASP A 109 -22.35 -22.06 -6.22
CA ASP A 109 -21.81 -23.09 -7.13
C ASP A 109 -20.89 -22.43 -8.17
N SER A 110 -21.26 -21.28 -8.74
CA SER A 110 -20.41 -20.61 -9.71
C SER A 110 -19.14 -20.03 -9.08
N VAL A 111 -19.18 -19.37 -7.92
CA VAL A 111 -17.97 -18.84 -7.28
C VAL A 111 -17.06 -19.94 -6.76
N ILE A 112 -17.60 -21.03 -6.23
CA ILE A 112 -16.84 -22.20 -5.73
C ILE A 112 -16.31 -23.06 -6.88
N SER A 113 -17.02 -23.13 -8.02
CA SER A 113 -16.53 -23.79 -9.23
C SER A 113 -15.44 -22.97 -9.93
N LEU A 114 -15.68 -21.68 -10.23
CA LEU A 114 -14.70 -20.82 -10.91
C LEU A 114 -13.46 -20.55 -10.05
N SER A 115 -13.65 -20.41 -8.72
CA SER A 115 -12.54 -20.24 -7.78
C SER A 115 -11.98 -21.59 -7.30
N GLY A 116 -12.63 -22.72 -7.61
CA GLY A 116 -12.23 -24.06 -7.20
C GLY A 116 -10.90 -24.49 -7.81
N ASP A 117 -10.54 -23.95 -8.97
CA ASP A 117 -9.19 -24.08 -9.54
C ASP A 117 -8.33 -22.85 -9.17
N HIS A 118 -8.84 -21.62 -9.40
CA HIS A 118 -8.07 -20.38 -9.18
C HIS A 118 -7.54 -20.21 -7.73
N CYS A 119 -8.32 -20.61 -6.72
CA CYS A 119 -7.89 -20.59 -5.33
C CYS A 119 -6.81 -21.65 -5.07
N ILE A 120 -6.83 -22.80 -5.75
CA ILE A 120 -5.87 -23.89 -5.55
C ILE A 120 -4.55 -23.58 -6.26
N ILE A 121 -4.57 -23.31 -7.58
CA ILE A 121 -3.38 -22.89 -8.32
C ILE A 121 -2.82 -21.56 -7.80
N GLY A 122 -3.71 -20.66 -7.36
CA GLY A 122 -3.36 -19.41 -6.74
C GLY A 122 -2.72 -19.60 -5.36
N ARG A 123 -3.19 -20.51 -4.51
CA ARG A 123 -2.52 -20.76 -3.22
C ARG A 123 -1.09 -21.26 -3.38
N THR A 124 -0.79 -22.00 -4.45
CA THR A 124 0.59 -22.46 -4.73
C THR A 124 1.56 -21.30 -4.95
N LEU A 125 1.16 -20.25 -5.69
CA LEU A 125 2.09 -19.16 -6.09
C LEU A 125 1.81 -17.79 -5.42
N VAL A 126 0.55 -17.45 -5.16
CA VAL A 126 0.13 -16.20 -4.48
C VAL A 126 0.25 -16.34 -2.96
N VAL A 127 0.06 -17.55 -2.44
CA VAL A 127 0.20 -17.87 -1.01
C VAL A 127 1.50 -18.66 -0.77
N HIS A 128 2.43 -18.66 -1.74
CA HIS A 128 3.76 -19.29 -1.62
C HIS A 128 4.51 -18.76 -0.39
N GLU A 129 4.57 -17.42 -0.24
CA GLU A 129 5.13 -16.72 0.93
C GLU A 129 4.51 -17.17 2.28
N LYS A 130 3.31 -17.77 2.26
CA LYS A 130 2.56 -18.21 3.45
C LYS A 130 2.37 -19.71 3.61
N ALA A 131 2.86 -20.52 2.66
CA ALA A 131 2.75 -21.97 2.64
C ALA A 131 4.12 -22.66 2.44
N ASP A 132 5.04 -22.00 1.73
CA ASP A 132 6.38 -22.48 1.38
C ASP A 132 7.49 -21.51 1.84
N ASP A 133 7.14 -20.40 2.51
CA ASP A 133 8.07 -19.57 3.31
C ASP A 133 7.61 -19.51 4.79
N LEU A 134 6.78 -18.53 5.19
CA LEU A 134 6.26 -18.40 6.57
C LEU A 134 5.52 -19.68 7.03
N GLY A 135 4.90 -20.41 6.12
CA GLY A 135 4.16 -21.65 6.39
C GLY A 135 5.04 -22.87 6.72
N LYS A 136 6.15 -22.66 7.44
CA LYS A 136 7.26 -23.60 7.77
C LYS A 136 8.32 -23.76 6.67
N GLY A 137 8.06 -23.40 5.41
CA GLY A 137 8.94 -23.68 4.28
C GLY A 137 10.31 -22.98 4.31
N GLY A 138 10.38 -21.73 4.73
CA GLY A 138 11.65 -20.97 4.82
C GLY A 138 12.56 -21.36 5.99
N ASN A 139 12.14 -22.33 6.82
CA ASN A 139 12.89 -22.76 8.01
C ASN A 139 12.67 -24.26 8.31
N GLU A 140 11.65 -24.64 9.09
CA GLU A 140 11.47 -26.04 9.53
C GLU A 140 10.74 -26.92 8.48
N GLU A 141 11.06 -26.71 7.20
CA GLU A 141 10.55 -27.44 6.02
C GLU A 141 10.70 -28.97 6.12
N SER A 142 11.85 -29.38 6.68
CA SER A 142 12.33 -30.76 6.75
C SER A 142 13.13 -31.00 8.05
N THR A 143 13.69 -29.94 8.63
CA THR A 143 14.27 -29.84 9.98
C THR A 143 14.46 -28.38 10.35
N LYS A 144 15.22 -27.60 9.55
CA LYS A 144 15.70 -26.24 9.89
C LYS A 144 16.34 -25.43 8.73
N THR A 145 16.06 -25.78 7.46
CA THR A 145 16.64 -25.29 6.19
C THR A 145 18.17 -25.44 6.03
N GLY A 146 18.95 -25.36 7.12
CA GLY A 146 20.39 -25.57 7.18
C GLY A 146 20.82 -27.03 6.93
N ASN A 147 20.63 -27.52 5.71
CA ASN A 147 20.99 -28.85 5.16
C ASN A 147 20.33 -30.09 5.80
N ALA A 148 20.03 -30.07 7.10
CA ALA A 148 19.73 -31.24 7.96
C ALA A 148 18.49 -32.07 7.60
N GLY A 149 17.81 -31.75 6.50
CA GLY A 149 16.69 -32.46 5.90
C GLY A 149 16.50 -32.06 4.44
N SER A 150 16.76 -30.79 4.12
CA SER A 150 16.75 -30.17 2.79
C SER A 150 17.92 -30.61 1.89
N ARG A 151 18.28 -31.89 1.95
CA ARG A 151 19.34 -32.52 1.17
C ARG A 151 19.04 -32.60 -0.34
N LEU A 152 17.86 -32.13 -0.77
CA LEU A 152 17.48 -31.96 -2.18
C LEU A 152 17.61 -30.51 -2.64
N ALA A 153 17.05 -29.52 -1.94
CA ALA A 153 17.08 -28.11 -2.34
C ALA A 153 18.30 -27.35 -1.79
N CYS A 154 18.56 -27.42 -0.49
CA CYS A 154 19.78 -26.88 0.12
C CYS A 154 21.01 -27.78 -0.11
N GLY A 155 20.79 -29.03 -0.56
CA GLY A 155 21.82 -30.05 -0.74
C GLY A 155 22.26 -30.35 -2.19
N VAL A 156 21.69 -29.71 -3.23
CA VAL A 156 21.89 -30.03 -4.67
C VAL A 156 23.33 -30.38 -5.04
N ILE A 157 24.28 -29.50 -4.70
CA ILE A 157 25.74 -29.70 -4.86
C ILE A 157 26.50 -29.68 -3.53
N GLY A 158 25.82 -29.41 -2.41
CA GLY A 158 26.40 -29.43 -1.07
C GLY A 158 27.49 -28.38 -0.77
N ILE A 159 27.89 -27.50 -1.69
CA ILE A 159 29.09 -26.63 -1.64
C ILE A 159 29.33 -25.78 -0.37
N ALA A 160 28.32 -25.59 0.49
CA ALA A 160 28.49 -24.98 1.81
C ALA A 160 29.16 -25.92 2.85
N GLN A 161 29.34 -27.20 2.51
CA GLN A 161 29.97 -28.24 3.32
C GLN A 161 30.69 -29.29 2.42
N ALA A 9 13.62 65.05 0.55
CA ALA A 9 12.33 64.61 -0.02
C ALA A 9 12.27 64.63 -1.56
N THR A 10 12.96 63.70 -2.23
CA THR A 10 13.01 63.62 -3.71
C THR A 10 12.65 62.23 -4.21
N LYS A 11 12.30 62.13 -5.50
CA LYS A 11 11.92 60.89 -6.20
C LYS A 11 13.06 60.28 -7.04
N ALA A 12 14.27 60.81 -6.94
CA ALA A 12 15.45 60.25 -7.59
C ALA A 12 16.15 59.26 -6.66
N VAL A 13 16.64 59.73 -5.51
CA VAL A 13 17.34 58.89 -4.53
C VAL A 13 16.43 57.98 -3.71
N CYS A 14 15.10 58.16 -3.77
CA CYS A 14 14.15 57.31 -3.06
C CYS A 14 13.81 56.01 -3.81
N VAL A 15 14.17 55.88 -5.09
CA VAL A 15 14.10 54.61 -5.83
C VAL A 15 15.31 53.77 -5.40
N LEU A 16 16.51 54.18 -5.81
CA LEU A 16 17.79 53.53 -5.50
C LEU A 16 18.20 53.47 -4.00
N LYS A 17 17.33 53.90 -3.07
CA LYS A 17 17.48 53.72 -1.61
C LYS A 17 16.14 53.40 -0.89
N GLY A 18 15.05 53.14 -1.61
CA GLY A 18 13.72 52.86 -1.07
C GLY A 18 13.10 51.56 -1.59
N ASP A 19 13.51 51.08 -2.77
CA ASP A 19 13.17 49.75 -3.28
C ASP A 19 13.56 48.59 -2.33
N GLY A 20 14.58 48.81 -1.48
CA GLY A 20 14.88 47.97 -0.33
C GLY A 20 16.38 47.82 -0.02
N PRO A 21 16.73 47.14 1.09
CA PRO A 21 18.11 46.77 1.43
C PRO A 21 18.61 45.56 0.59
N VAL A 22 19.92 45.48 0.38
CA VAL A 22 20.60 44.38 -0.35
C VAL A 22 20.38 42.99 0.24
N GLN A 23 19.86 42.87 1.47
CA GLN A 23 19.48 41.59 2.06
C GLN A 23 18.41 40.87 1.24
N GLY A 24 17.67 41.57 0.34
CA GLY A 24 16.70 40.97 -0.56
C GLY A 24 17.25 39.80 -1.38
N ILE A 25 18.55 39.74 -1.66
CA ILE A 25 19.20 38.59 -2.31
C ILE A 25 19.25 37.39 -1.36
N ILE A 26 19.76 37.61 -0.13
CA ILE A 26 19.91 36.60 0.93
C ILE A 26 18.54 36.11 1.47
N ASN A 27 17.52 36.96 1.43
CA ASN A 27 16.14 36.62 1.76
C ASN A 27 15.36 36.01 0.57
N PHE A 28 15.80 36.24 -0.68
CA PHE A 28 15.24 35.58 -1.84
C PHE A 28 15.70 34.10 -1.92
N GLU A 29 17.01 33.85 -1.81
CA GLU A 29 17.53 32.47 -1.81
C GLU A 29 17.05 31.65 -0.60
N GLN A 30 16.88 32.26 0.58
CA GLN A 30 16.42 31.59 1.81
C GLN A 30 15.13 30.78 1.64
N LYS A 31 14.18 31.26 0.80
CA LYS A 31 12.88 30.62 0.58
C LYS A 31 12.91 29.49 -0.46
N GLU A 32 14.04 29.33 -1.15
CA GLU A 32 14.25 28.36 -2.26
C GLU A 32 15.47 27.44 -1.99
N SER A 33 16.22 27.72 -0.91
CA SER A 33 17.45 27.05 -0.44
C SER A 33 17.30 25.53 -0.24
N ASN A 34 16.21 25.08 0.38
CA ASN A 34 15.82 23.67 0.47
C ASN A 34 14.62 23.39 -0.45
N GLY A 35 14.66 23.96 -1.65
CA GLY A 35 13.54 23.99 -2.61
C GLY A 35 12.46 25.03 -2.25
N PRO A 36 11.48 25.22 -3.14
CA PRO A 36 10.43 26.24 -3.01
C PRO A 36 9.46 25.95 -1.87
N VAL A 37 8.44 26.79 -1.67
CA VAL A 37 7.37 26.63 -0.66
C VAL A 37 6.78 25.21 -0.60
N LYS A 38 6.72 24.46 -1.72
CA LYS A 38 6.24 23.08 -1.75
C LYS A 38 7.17 22.04 -1.10
N VAL A 39 8.48 22.33 -1.03
CA VAL A 39 9.48 21.50 -0.35
C VAL A 39 9.78 22.08 1.03
N TRP A 40 10.14 23.38 1.11
CA TRP A 40 10.34 24.11 2.37
C TRP A 40 9.11 24.06 3.30
N GLY A 41 7.90 23.99 2.74
CA GLY A 41 6.65 23.79 3.48
C GLY A 41 6.60 22.49 4.28
N SER A 42 7.32 21.45 3.83
CA SER A 42 7.55 20.22 4.58
C SER A 42 8.63 20.42 5.65
N ILE A 43 9.74 21.11 5.33
CA ILE A 43 10.90 21.21 6.23
C ILE A 43 10.65 22.17 7.41
N LYS A 44 9.95 23.29 7.19
CA LYS A 44 9.60 24.24 8.26
C LYS A 44 8.51 23.71 9.22
N GLY A 45 7.81 22.65 8.84
CA GLY A 45 6.62 22.17 9.53
C GLY A 45 5.62 21.47 8.63
N LEU A 46 5.94 20.24 8.25
CA LEU A 46 5.09 19.35 7.46
C LEU A 46 3.70 19.14 8.06
N THR A 47 3.57 19.19 9.39
CA THR A 47 2.31 19.05 10.13
C THR A 47 1.38 20.23 9.87
N GLU A 48 1.89 21.48 9.87
CA GLU A 48 1.07 22.63 9.48
C GLU A 48 0.84 22.69 7.97
N GLY A 49 1.71 22.08 7.15
CA GLY A 49 1.50 22.00 5.71
C GLY A 49 0.38 21.03 5.32
N LEU A 50 0.29 19.84 5.92
CA LEU A 50 -0.78 18.89 5.64
C LEU A 50 -2.16 19.40 6.11
N HIS A 51 -2.23 19.97 7.31
CA HIS A 51 -3.49 20.52 7.86
C HIS A 51 -3.82 21.94 7.36
N GLY A 52 -2.83 22.67 6.83
CA GLY A 52 -2.99 24.04 6.32
C GLY A 52 -2.98 24.15 4.80
N PHE A 53 -3.19 23.04 4.07
CA PHE A 53 -3.31 23.01 2.60
C PHE A 53 -4.38 22.00 2.14
N HIS A 54 -4.42 20.79 2.72
CA HIS A 54 -5.41 19.77 2.32
C HIS A 54 -6.66 19.76 3.22
N VAL A 55 -6.62 20.49 4.33
CA VAL A 55 -7.66 20.52 5.38
C VAL A 55 -8.15 21.95 5.67
N HIS A 56 -7.52 22.98 5.10
CA HIS A 56 -7.91 24.39 5.30
C HIS A 56 -8.91 24.88 4.22
N GLU A 57 -8.64 24.60 2.94
CA GLU A 57 -9.50 24.95 1.81
C GLU A 57 -9.70 23.86 0.74
N PHE A 58 -9.02 22.69 0.87
CA PHE A 58 -8.93 21.51 -0.03
C PHE A 58 -7.60 21.41 -0.82
N GLY A 59 -6.92 22.52 -1.11
CA GLY A 59 -5.62 22.46 -1.81
C GLY A 59 -5.19 23.79 -2.39
N ASP A 60 -4.76 24.74 -1.55
CA ASP A 60 -4.38 26.15 -1.86
C ASP A 60 -5.53 27.00 -2.47
N ASN A 61 -6.50 26.35 -3.11
CA ASN A 61 -7.69 26.95 -3.74
C ASN A 61 -8.74 25.89 -4.15
N THR A 62 -8.32 24.65 -4.43
CA THR A 62 -9.17 23.43 -4.68
C THR A 62 -8.24 22.22 -4.83
N ALA A 63 -7.63 22.04 -6.01
CA ALA A 63 -6.77 20.89 -6.33
C ALA A 63 -5.29 21.28 -6.54
N GLY A 64 -4.98 22.57 -6.45
CA GLY A 64 -3.67 23.17 -6.77
C GLY A 64 -3.84 24.48 -7.53
N CYS A 65 -3.75 25.61 -6.84
CA CYS A 65 -3.85 27.00 -7.34
C CYS A 65 -5.20 27.40 -7.99
N THR A 66 -5.72 26.63 -8.95
CA THR A 66 -7.06 26.75 -9.56
C THR A 66 -7.29 25.64 -10.60
N SER A 67 -6.27 25.33 -11.41
CA SER A 67 -6.37 24.36 -12.51
C SER A 67 -5.76 22.99 -12.20
N ALA A 68 -4.72 22.96 -11.35
CA ALA A 68 -3.87 21.82 -10.97
C ALA A 68 -3.14 21.10 -12.12
N GLY A 69 -3.89 20.58 -13.10
CA GLY A 69 -3.40 19.90 -14.30
C GLY A 69 -3.93 20.53 -15.59
N PRO A 70 -4.01 19.77 -16.69
CA PRO A 70 -4.49 20.24 -18.00
C PRO A 70 -6.04 20.35 -18.02
N HIS A 71 -6.57 21.33 -17.28
CA HIS A 71 -8.00 21.66 -17.13
C HIS A 71 -8.87 20.49 -16.64
N PHE A 72 -9.25 20.49 -15.36
CA PHE A 72 -10.15 19.48 -14.73
C PHE A 72 -9.59 18.04 -14.69
N ASN A 73 -8.34 17.91 -14.26
CA ASN A 73 -7.64 16.62 -14.20
C ASN A 73 -8.09 15.71 -13.01
N PRO A 74 -7.81 14.39 -13.06
CA PRO A 74 -8.10 13.45 -11.96
C PRO A 74 -7.12 13.61 -10.77
N LEU A 75 -6.88 12.52 -10.00
CA LEU A 75 -5.90 12.42 -8.91
C LEU A 75 -6.16 13.30 -7.66
N SER A 76 -7.25 14.09 -7.65
CA SER A 76 -7.68 14.93 -6.51
C SER A 76 -9.15 14.63 -6.16
N ARG A 77 -9.41 13.88 -5.07
CA ARG A 77 -10.73 13.39 -4.55
C ARG A 77 -11.70 12.73 -5.57
N LYS A 78 -11.35 12.67 -6.85
CA LYS A 78 -12.14 12.20 -8.01
C LYS A 78 -12.57 10.72 -7.90
N HIS A 79 -11.96 9.99 -6.98
CA HIS A 79 -12.42 8.71 -6.46
C HIS A 79 -12.56 8.85 -4.95
N GLY A 80 -13.66 8.33 -4.39
CA GLY A 80 -13.99 8.44 -2.98
C GLY A 80 -15.23 9.31 -2.76
N GLY A 81 -15.21 10.60 -3.12
CA GLY A 81 -16.34 11.52 -2.89
C GLY A 81 -17.69 10.98 -3.42
N PRO A 82 -17.90 10.95 -4.75
CA PRO A 82 -19.07 10.32 -5.38
C PRO A 82 -18.92 8.80 -5.39
N LYS A 83 -18.84 8.22 -4.19
CA LYS A 83 -18.78 6.78 -3.87
C LYS A 83 -19.19 6.62 -2.42
N ASP A 84 -18.31 7.05 -1.51
CA ASP A 84 -18.38 7.00 -0.05
C ASP A 84 -19.66 7.66 0.46
N GLU A 85 -19.87 8.91 0.04
CA GLU A 85 -21.05 9.77 0.28
C GLU A 85 -22.32 9.34 -0.46
N GLU A 86 -22.21 8.48 -1.48
CA GLU A 86 -23.37 7.82 -2.09
C GLU A 86 -23.72 6.54 -1.31
N ARG A 87 -23.11 5.41 -1.70
CA ARG A 87 -23.48 4.03 -1.30
C ARG A 87 -22.31 3.07 -1.47
N HIS A 88 -21.06 3.52 -1.53
CA HIS A 88 -19.89 2.65 -1.68
C HIS A 88 -19.47 2.06 -0.33
N VAL A 89 -19.50 2.88 0.71
CA VAL A 89 -19.27 2.47 2.10
C VAL A 89 -20.20 3.18 3.10
N GLY A 90 -20.63 4.43 2.86
CA GLY A 90 -21.47 5.21 3.79
C GLY A 90 -22.79 4.56 4.21
N ASP A 91 -23.52 3.94 3.27
CA ASP A 91 -24.77 3.20 3.56
C ASP A 91 -24.68 1.68 3.29
N LEU A 92 -23.70 1.21 2.48
CA LEU A 92 -23.50 -0.23 2.24
C LEU A 92 -22.58 -0.86 3.30
N GLY A 93 -21.39 -0.27 3.50
CA GLY A 93 -20.40 -0.77 4.46
C GLY A 93 -20.82 -0.53 5.90
N ASN A 94 -21.53 0.56 6.16
CA ASN A 94 -22.04 0.90 7.50
C ASN A 94 -23.06 -0.16 8.01
N VAL A 95 -23.91 -0.73 7.14
CA VAL A 95 -24.86 -1.78 7.54
C VAL A 95 -24.17 -3.07 8.00
N THR A 96 -23.02 -3.42 7.41
CA THR A 96 -22.23 -4.56 7.91
C THR A 96 -21.38 -4.16 9.11
N ALA A 97 -20.67 -3.05 9.02
CA ALA A 97 -19.71 -2.59 10.03
C ALA A 97 -20.35 -2.14 11.38
N ASP A 98 -21.59 -1.65 11.41
CA ASP A 98 -22.29 -1.33 12.67
C ASP A 98 -23.00 -2.56 13.26
N LYS A 99 -23.42 -3.52 12.39
CA LYS A 99 -23.96 -4.82 12.80
C LYS A 99 -22.89 -5.78 13.36
N ASP A 100 -21.61 -5.55 13.09
CA ASP A 100 -20.52 -6.49 13.36
C ASP A 100 -19.26 -5.88 14.01
N GLY A 101 -18.84 -4.67 13.61
CA GLY A 101 -17.64 -4.02 14.12
C GLY A 101 -16.31 -4.71 13.81
N VAL A 102 -16.24 -5.53 12.76
CA VAL A 102 -15.14 -6.47 12.46
C VAL A 102 -14.94 -7.54 13.57
N ALA A 103 -15.95 -7.80 14.39
CA ALA A 103 -15.95 -8.86 15.42
C ALA A 103 -16.60 -10.17 14.93
N ASP A 104 -17.60 -10.07 14.05
CA ASP A 104 -18.39 -11.17 13.49
C ASP A 104 -17.82 -11.57 12.11
N VAL A 105 -17.61 -10.60 11.24
CA VAL A 105 -17.13 -10.75 9.86
C VAL A 105 -15.68 -11.25 9.83
N SER A 106 -14.85 -10.82 10.80
CA SER A 106 -13.47 -11.31 10.93
C SER A 106 -13.39 -12.82 11.21
N ILE A 107 -14.39 -13.39 11.90
CA ILE A 107 -14.47 -14.83 12.15
C ILE A 107 -15.30 -15.56 11.08
N GLU A 108 -16.40 -14.97 10.58
CA GLU A 108 -17.20 -15.54 9.48
C GLU A 108 -16.39 -15.63 8.18
N ASP A 109 -15.83 -14.51 7.66
CA ASP A 109 -15.02 -14.52 6.43
C ASP A 109 -13.79 -15.42 6.53
N SER A 110 -13.16 -15.53 7.71
CA SER A 110 -12.04 -16.46 7.90
C SER A 110 -12.48 -17.92 7.96
N VAL A 111 -13.59 -18.25 8.66
CA VAL A 111 -14.11 -19.63 8.77
C VAL A 111 -14.71 -20.12 7.44
N ILE A 112 -15.43 -19.28 6.70
CA ILE A 112 -15.99 -19.63 5.39
C ILE A 112 -14.87 -19.80 4.35
N SER A 113 -13.88 -18.90 4.35
CA SER A 113 -12.75 -18.95 3.41
C SER A 113 -11.75 -20.06 3.72
N LEU A 114 -11.52 -20.39 5.00
CA LEU A 114 -10.69 -21.53 5.46
C LEU A 114 -11.05 -22.85 4.75
N SER A 115 -12.31 -23.05 4.39
CA SER A 115 -12.79 -24.22 3.64
C SER A 115 -12.18 -24.30 2.21
N GLY A 116 -12.07 -23.14 1.55
CA GLY A 116 -11.34 -23.01 0.28
C GLY A 116 -9.83 -23.08 0.48
N ASP A 117 -9.30 -22.37 1.48
CA ASP A 117 -7.85 -22.27 1.75
C ASP A 117 -7.22 -23.62 2.10
N HIS A 118 -7.89 -24.46 2.90
CA HIS A 118 -7.44 -25.84 3.17
C HIS A 118 -7.53 -26.75 1.93
N CYS A 119 -8.34 -26.40 0.94
CA CYS A 119 -8.48 -27.15 -0.32
C CYS A 119 -7.55 -26.61 -1.44
N ILE A 120 -7.09 -25.36 -1.36
CA ILE A 120 -6.22 -24.69 -2.32
C ILE A 120 -4.77 -24.70 -1.79
N ILE A 121 -4.51 -23.99 -0.68
CA ILE A 121 -3.19 -23.91 -0.05
C ILE A 121 -2.84 -25.25 0.59
N GLY A 122 -3.80 -25.91 1.26
CA GLY A 122 -3.58 -27.24 1.85
C GLY A 122 -3.25 -28.30 0.80
N ARG A 123 -3.74 -28.17 -0.44
CA ARG A 123 -3.31 -29.04 -1.57
C ARG A 123 -1.87 -28.82 -2.05
N THR A 124 -1.18 -27.80 -1.52
CA THR A 124 0.23 -27.48 -1.80
C THR A 124 1.16 -27.79 -0.60
N LEU A 125 0.64 -27.82 0.64
CA LEU A 125 1.44 -28.13 1.84
C LEU A 125 0.96 -29.35 2.64
N VAL A 126 -0.34 -29.52 2.88
CA VAL A 126 -0.91 -30.70 3.57
C VAL A 126 -0.83 -31.95 2.69
N VAL A 127 -0.86 -31.80 1.36
CA VAL A 127 -0.59 -32.95 0.46
C VAL A 127 0.91 -33.23 0.37
N HIS A 128 1.78 -32.24 0.47
CA HIS A 128 3.23 -32.44 0.55
C HIS A 128 3.63 -33.19 1.81
N GLU A 129 3.39 -32.66 3.01
CA GLU A 129 3.77 -33.34 4.27
C GLU A 129 3.18 -34.77 4.40
N LYS A 130 1.96 -34.97 3.88
CA LYS A 130 1.19 -36.21 4.09
C LYS A 130 1.27 -37.23 2.95
N ALA A 131 1.78 -36.85 1.78
CA ALA A 131 1.90 -37.74 0.60
C ALA A 131 3.23 -37.61 -0.18
N ASP A 132 3.97 -36.51 -0.03
CA ASP A 132 5.27 -36.25 -0.70
C ASP A 132 6.47 -36.18 0.28
N ASP A 133 6.20 -36.21 1.59
CA ASP A 133 7.20 -36.42 2.66
C ASP A 133 6.97 -37.78 3.34
N LEU A 134 6.15 -37.84 4.41
CA LEU A 134 5.94 -39.06 5.21
C LEU A 134 5.22 -40.15 4.42
N GLY A 135 4.37 -39.76 3.47
CA GLY A 135 3.44 -40.62 2.73
C GLY A 135 4.09 -41.41 1.60
N LYS A 136 5.23 -42.05 1.89
CA LYS A 136 6.18 -42.70 0.95
C LYS A 136 7.14 -41.73 0.23
N GLY A 137 6.85 -40.43 0.17
CA GLY A 137 7.54 -39.45 -0.66
C GLY A 137 9.05 -39.32 -0.47
N GLY A 138 9.53 -38.96 0.74
CA GLY A 138 10.96 -38.73 1.03
C GLY A 138 11.93 -39.91 0.76
N ASN A 139 11.37 -41.07 0.41
CA ASN A 139 12.09 -42.28 0.07
C ASN A 139 11.52 -43.11 -1.12
N GLU A 140 10.56 -42.55 -1.87
CA GLU A 140 9.78 -43.10 -3.01
C GLU A 140 9.02 -44.42 -2.73
N GLU A 141 9.67 -45.37 -2.08
CA GLU A 141 9.09 -46.62 -1.56
C GLU A 141 9.55 -46.88 -0.12
N SER A 142 10.86 -46.80 0.17
CA SER A 142 11.41 -47.17 1.50
C SER A 142 12.82 -46.66 1.78
N THR A 143 13.64 -46.41 0.74
CA THR A 143 14.96 -45.81 0.87
C THR A 143 15.17 -44.65 -0.11
N LYS A 144 14.98 -44.95 -1.41
CA LYS A 144 14.83 -43.98 -2.53
C LYS A 144 14.07 -44.53 -3.75
N THR A 145 13.87 -45.85 -3.86
CA THR A 145 13.08 -46.55 -4.93
C THR A 145 12.60 -47.95 -4.50
N GLY A 146 12.94 -48.41 -3.29
CA GLY A 146 12.64 -49.76 -2.86
C GLY A 146 13.64 -50.78 -3.42
N ASN A 147 13.52 -51.14 -4.71
CA ASN A 147 14.39 -52.15 -5.33
C ASN A 147 15.90 -51.82 -5.20
N ALA A 148 16.25 -50.53 -5.13
CA ALA A 148 17.61 -50.02 -4.94
C ALA A 148 18.35 -50.65 -3.73
N GLY A 149 17.64 -51.01 -2.66
CA GLY A 149 18.21 -51.72 -1.50
C GLY A 149 17.43 -52.97 -1.08
N SER A 150 16.10 -52.98 -1.27
CA SER A 150 15.20 -54.10 -0.96
C SER A 150 15.28 -55.24 -1.98
N ARG A 151 16.50 -55.62 -2.41
CA ARG A 151 16.74 -56.72 -3.36
C ARG A 151 16.30 -58.10 -2.84
N LEU A 152 15.99 -58.23 -1.55
CA LEU A 152 15.49 -59.48 -0.94
C LEU A 152 13.95 -59.55 -0.91
N ALA A 153 13.24 -58.47 -0.55
CA ALA A 153 11.78 -58.47 -0.44
C ALA A 153 11.07 -57.89 -1.67
N CYS A 154 11.62 -56.82 -2.28
CA CYS A 154 11.15 -56.28 -3.56
C CYS A 154 11.85 -56.94 -4.76
N GLY A 155 13.09 -57.41 -4.58
CA GLY A 155 13.92 -58.03 -5.62
C GLY A 155 13.87 -59.55 -5.72
N VAL A 156 12.75 -60.21 -5.35
CA VAL A 156 12.60 -61.69 -5.36
C VAL A 156 12.97 -62.37 -6.69
N ILE A 157 12.96 -61.62 -7.81
CA ILE A 157 13.44 -62.03 -9.13
C ILE A 157 14.54 -61.11 -9.70
N GLY A 158 14.95 -60.05 -9.00
CA GLY A 158 16.02 -59.15 -9.45
C GLY A 158 17.40 -59.82 -9.47
N ILE A 159 17.60 -60.83 -8.61
CA ILE A 159 18.82 -61.64 -8.55
C ILE A 159 18.93 -62.59 -9.77
N ALA A 160 17.97 -62.57 -10.70
CA ALA A 160 18.05 -63.31 -11.97
C ALA A 160 19.13 -62.75 -12.94
N GLN A 161 19.63 -61.53 -12.70
CA GLN A 161 20.78 -60.95 -13.43
C GLN A 161 21.87 -60.39 -12.49
#